data_7ZRY
#
_entry.id   7ZRY
#
_cell.length_a   119.755
_cell.length_b   179.747
_cell.length_c   234.602
_cell.angle_alpha   90.000
_cell.angle_beta   90.000
_cell.angle_gamma   90.000
#
_symmetry.space_group_name_H-M   'I 2 2 2'
#
loop_
_entity.id
_entity.type
_entity.pdbx_description
1 polymer 'Isoform of Lysine-specific histone demethylase 1A'
2 polymer 'REST corepressor 1'
3 non-polymer 'FLAVIN-ADENINE DINUCLEOTIDE'
#
loop_
_entity_poly.entity_id
_entity_poly.type
_entity_poly.pdbx_seq_one_letter_code
_entity_poly.pdbx_strand_id
1 'polypeptide(L)'
;MLSGKKAAAAAAAAAAAATGTEAGPGTAGGSENGSEVAAQPAGLSGPAEVGPGAVGERTPRKKEPPRASPPGGLAEPPGS
AGPQAGPTVVPGSATPMETGIAETPEGRRTSRRKRAKVEYREMDESLANLSEDEYYSEEERNAKAEKEKKLPPPPPQAPP
EEENESEPEEPSGQAGGLQDDSSGGYGDGQASGVEGAAFQSRLPHDRMTSQEAACFPDIISGPQQTQKVFLFIRNRTLQL
WLDNPKIQLTFEATLQQLEAPYNSDTVLVHRVHSYLERHGLINFGIYKRIKPLPTKKTGKVIIIGSGVSGLAAARQLQSF
GMDVTLLEARDRVGGRVATFRKGNYVADLGAMVVTGLGGNPMAVVSKQVNMELAKIKQKCPLYEANGQAVPKEKDEMVEQ
EFNRLLEATSYLSHQLDFNVLNNKPVSLGQALEVVIQLQEKHVKDEQIEHWKKIVKTQEELKELLNKMVNLKEKIKELHQ
QYKEASEVKPPRDITAEFLVKSKHRDLTALCKEYDELAETQGKLEEKLQELEANPPSDVYLSSRDRQILDWHFANLEFAN
ATPLSTLSLKHWDQDDDFEFTGSHLTVRNGYSCVPVALAEGLDIKLNTAVRQVRYTASGCEVIAVNTRSTSQTFIYKCDA
VLCTLPLGVLKQQPPAVQFVPPLPEWKTSAVQRMGFGNLNKVVLCFDRVFWDPSVNLFGHVGSTTASRGELFLFWNLYKA
PILLALVAGEAAGIMENISDDVIVGRCLAILKGIFGSSAVPQPKETVVSRWRADPWARGSYSYVAAGSSGNDYDLMAQPI
TPGPSIPGAPQPIPRLFFAGEHTIRNYPATVHGALLSGLREAGRIADQFLGAMYTLPRQATPGVPAQQSPSM
;
A
2 'polypeptide(L)'
;RAKRKPPKGMFLSQEDVEAVSANATAATTVLRQLDMELVSVKRQIQNIKQTNSALKEKLDGGIEPYRLPEVIQKCNARWT
TEEQLLAVQAIRKYGRDFQAISDVIGNKSVVQVKNFFVNYRRRFNIDEVLQEWEAEHGKEETNGPSNQKPVKSPDNSIKM
PEEEDEAPVLDVRYASAS
;
B
#
loop_
_chem_comp.id
_chem_comp.type
_chem_comp.name
_chem_comp.formula
FAD non-polymer 'FLAVIN-ADENINE DINUCLEOTIDE' 'C27 H33 N9 O15 P2'
#
# COMPACT_ATOMS: atom_id res chain seq x y z
N SER A 192 21.48 1.00 24.14
CA SER A 192 21.99 0.22 25.26
C SER A 192 22.31 1.10 26.48
N GLY A 193 22.16 0.53 27.69
CA GLY A 193 22.53 1.23 28.91
C GLY A 193 21.40 2.14 29.40
N VAL A 194 21.72 3.41 29.65
CA VAL A 194 20.67 4.34 30.04
C VAL A 194 19.87 4.78 28.83
N GLU A 195 20.49 4.90 27.65
CA GLU A 195 19.73 5.37 26.51
C GLU A 195 18.71 4.36 26.00
N GLY A 196 18.94 3.06 26.26
CA GLY A 196 17.92 2.08 25.93
C GLY A 196 16.71 2.22 26.81
N ALA A 197 16.92 2.66 28.07
CA ALA A 197 15.81 2.94 28.96
C ALA A 197 14.90 4.02 28.39
N ALA A 198 15.47 5.08 27.79
CA ALA A 198 14.64 6.09 27.15
C ALA A 198 13.90 5.51 25.94
N PHE A 199 14.61 4.77 25.09
CA PHE A 199 13.95 4.17 23.94
C PHE A 199 12.81 3.23 24.38
N GLN A 200 13.08 2.39 25.39
CA GLN A 200 12.11 1.40 25.85
C GLN A 200 10.95 2.05 26.59
N SER A 201 11.07 3.35 26.89
CA SER A 201 10.00 4.14 27.48
C SER A 201 9.39 5.13 26.46
N ARG A 202 9.61 4.89 25.17
CA ARG A 202 9.10 5.74 24.10
C ARG A 202 9.49 7.21 24.27
N LEU A 203 10.69 7.45 24.83
CA LEU A 203 11.23 8.78 25.10
C LEU A 203 12.52 9.04 24.35
N PRO A 204 12.71 10.25 23.81
CA PRO A 204 14.01 10.59 23.21
C PRO A 204 15.05 10.83 24.29
N HIS A 205 16.19 10.14 24.18
CA HIS A 205 17.17 10.15 25.26
C HIS A 205 17.89 11.49 25.40
N ASP A 206 17.95 12.31 24.34
CA ASP A 206 18.79 13.51 24.33
C ASP A 206 18.00 14.80 24.20
N ARG A 207 16.70 14.73 24.41
CA ARG A 207 15.81 15.86 24.26
C ARG A 207 14.74 15.73 25.34
N MET A 208 14.16 16.84 25.76
CA MET A 208 13.08 16.77 26.73
C MET A 208 11.74 16.92 26.01
N THR A 209 10.74 16.15 26.46
CA THR A 209 9.44 16.08 25.79
C THR A 209 8.60 17.30 26.14
N SER A 210 7.48 17.46 25.42
CA SER A 210 6.54 18.54 25.76
C SER A 210 6.03 18.40 27.19
N GLN A 211 5.79 17.16 27.63
CA GLN A 211 5.30 16.95 28.98
C GLN A 211 6.33 17.38 30.02
N GLU A 212 7.60 17.04 29.79
CA GLU A 212 8.63 17.39 30.77
C GLU A 212 8.86 18.89 30.79
N ALA A 213 8.75 19.53 29.63
CA ALA A 213 8.80 20.99 29.62
C ALA A 213 7.70 21.57 30.50
N ALA A 214 6.55 20.92 30.56
CA ALA A 214 5.45 21.42 31.38
C ALA A 214 5.76 21.29 32.88
N CYS A 215 6.20 20.11 33.30
CA CYS A 215 6.55 19.88 34.70
C CYS A 215 7.87 20.54 35.12
N PHE A 216 8.79 20.80 34.20
CA PHE A 216 10.10 21.36 34.55
C PHE A 216 10.42 22.59 33.69
N PRO A 217 9.51 23.55 33.62
CA PRO A 217 9.79 24.73 32.78
C PRO A 217 11.02 25.49 33.22
N ASP A 218 11.40 25.40 34.50
CA ASP A 218 12.67 25.98 34.93
C ASP A 218 13.83 25.39 34.17
N ILE A 219 13.86 24.06 34.06
CA ILE A 219 15.02 23.39 33.47
C ILE A 219 15.10 23.63 31.96
N ILE A 220 14.00 23.44 31.22
CA ILE A 220 14.04 23.60 29.76
C ILE A 220 14.40 25.01 29.35
N SER A 221 13.91 26.02 30.05
CA SER A 221 14.23 27.39 29.66
C SER A 221 15.63 27.79 30.09
N GLY A 222 16.31 26.94 30.85
CA GLY A 222 17.58 27.25 31.45
C GLY A 222 18.76 26.70 30.66
N PRO A 223 19.92 26.68 31.31
CA PRO A 223 21.16 26.30 30.61
C PRO A 223 21.23 24.82 30.21
N GLN A 224 21.86 24.59 29.04
CA GLN A 224 21.89 23.25 28.46
C GLN A 224 22.57 22.23 29.36
N GLN A 225 23.43 22.66 30.28
CA GLN A 225 24.08 21.70 31.14
C GLN A 225 23.06 21.05 32.08
N THR A 226 22.26 21.86 32.77
CA THR A 226 21.24 21.31 33.66
C THR A 226 20.30 20.38 32.89
N GLN A 227 20.00 20.71 31.62
CA GLN A 227 19.15 19.85 30.80
C GLN A 227 19.73 18.45 30.70
N LYS A 228 21.04 18.36 30.41
CA LYS A 228 21.68 17.04 30.29
C LYS A 228 21.72 16.32 31.62
N VAL A 229 21.80 17.06 32.72
CA VAL A 229 21.74 16.44 34.05
C VAL A 229 20.36 15.83 34.26
N PHE A 230 19.32 16.65 34.08
CA PHE A 230 17.95 16.17 34.12
C PHE A 230 17.78 14.95 33.20
N LEU A 231 18.25 15.09 31.96
CA LEU A 231 18.05 14.05 30.96
C LEU A 231 18.70 12.75 31.42
N PHE A 232 19.89 12.84 32.03
CA PHE A 232 20.49 11.68 32.68
C PHE A 232 19.54 11.12 33.74
N ILE A 233 19.15 11.96 34.70
CA ILE A 233 18.48 11.47 35.89
C ILE A 233 17.20 10.77 35.48
N ARG A 234 16.47 11.34 34.51
CA ARG A 234 15.36 10.62 33.88
C ARG A 234 15.79 9.24 33.43
N ASN A 235 16.80 9.18 32.52
CA ASN A 235 17.14 7.93 31.85
C ASN A 235 17.66 6.90 32.85
N ARG A 236 18.43 7.36 33.83
CA ARG A 236 18.97 6.47 34.84
C ARG A 236 17.88 5.86 35.71
N THR A 237 16.91 6.67 36.13
CA THR A 237 15.80 6.14 36.93
C THR A 237 14.99 5.14 36.12
N LEU A 238 14.65 5.51 34.88
CA LEU A 238 13.96 4.59 33.99
C LEU A 238 14.68 3.26 33.94
N GLN A 239 16.01 3.30 33.78
CA GLN A 239 16.79 2.07 33.69
C GLN A 239 16.62 1.22 34.93
N LEU A 240 16.75 1.84 36.12
CA LEU A 240 16.57 1.09 37.36
C LEU A 240 15.20 0.43 37.43
N TRP A 241 14.13 1.19 37.17
CA TRP A 241 12.81 0.56 37.15
C TRP A 241 12.79 -0.60 36.17
N LEU A 242 13.41 -0.40 35.00
CA LEU A 242 13.29 -1.37 33.93
C LEU A 242 14.06 -2.66 34.23
N ASP A 243 15.24 -2.52 34.86
CA ASP A 243 16.06 -3.70 35.14
C ASP A 243 15.46 -4.60 36.21
N ASN A 244 14.53 -4.11 37.00
CA ASN A 244 13.75 -4.96 37.89
C ASN A 244 12.39 -4.29 38.12
N PRO A 245 11.38 -4.70 37.37
CA PRO A 245 10.07 -4.09 37.58
C PRO A 245 9.14 -4.98 38.39
N LYS A 246 9.66 -5.95 39.12
CA LYS A 246 8.80 -6.67 40.05
C LYS A 246 8.80 -6.06 41.46
N ILE A 247 9.57 -4.99 41.69
CA ILE A 247 9.62 -4.32 42.99
C ILE A 247 9.55 -2.81 42.79
N GLN A 248 8.79 -2.14 43.66
CA GLN A 248 8.70 -0.69 43.64
C GLN A 248 10.08 -0.05 43.65
N LEU A 249 10.25 1.01 42.88
CA LEU A 249 11.50 1.77 42.86
C LEU A 249 11.30 3.05 43.65
N THR A 250 11.65 3.01 44.93
CA THR A 250 11.49 4.17 45.80
C THR A 250 12.50 5.24 45.44
N PHE A 251 12.22 6.45 45.90
CA PHE A 251 13.12 7.58 45.63
C PHE A 251 14.46 7.40 46.33
N GLU A 252 14.41 6.94 47.58
CA GLU A 252 15.61 6.61 48.33
C GLU A 252 16.49 5.63 47.58
N ALA A 253 15.94 4.46 47.20
CA ALA A 253 16.68 3.50 46.40
C ALA A 253 17.25 4.13 45.13
N THR A 254 16.52 5.10 44.55
CA THR A 254 16.98 5.73 43.32
C THR A 254 18.19 6.60 43.58
N LEU A 255 18.10 7.45 44.60
CA LEU A 255 19.19 8.37 44.90
C LEU A 255 20.43 7.61 45.32
N GLN A 256 20.24 6.48 46.03
CA GLN A 256 21.38 5.64 46.38
C GLN A 256 22.20 5.28 45.14
N GLN A 257 21.49 4.78 44.14
CA GLN A 257 22.16 4.17 42.98
C GLN A 257 22.73 5.18 41.99
N LEU A 258 22.35 6.45 42.03
CA LEU A 258 22.99 7.32 41.01
C LEU A 258 24.19 8.04 41.64
N GLU A 259 25.27 8.19 40.90
CA GLU A 259 26.49 8.79 41.50
C GLU A 259 26.57 10.28 41.26
N ALA A 260 27.65 10.87 41.73
CA ALA A 260 27.88 12.29 41.55
C ALA A 260 28.41 12.52 40.13
N PRO A 261 28.27 13.73 39.59
CA PRO A 261 27.65 14.94 40.16
C PRO A 261 26.12 14.90 40.22
N TYR A 262 25.55 13.77 39.76
CA TYR A 262 24.11 13.68 39.54
C TYR A 262 23.32 13.50 40.83
N ASN A 263 23.92 12.93 41.87
CA ASN A 263 23.24 12.79 43.16
C ASN A 263 23.50 13.98 44.09
N SER A 264 23.84 15.14 43.53
CA SER A 264 24.05 16.33 44.34
C SER A 264 22.76 17.10 44.59
N ASP A 265 21.98 17.35 43.53
CA ASP A 265 20.73 18.10 43.66
C ASP A 265 19.64 17.11 44.06
N THR A 266 19.41 16.99 45.37
CA THR A 266 18.44 16.00 45.85
C THR A 266 17.02 16.34 45.43
N VAL A 267 16.68 17.63 45.29
CA VAL A 267 15.31 17.95 44.89
C VAL A 267 15.12 17.69 43.41
N LEU A 268 16.13 17.98 42.59
CA LEU A 268 16.08 17.58 41.19
C LEU A 268 15.81 16.09 41.06
N VAL A 269 16.51 15.26 41.84
CA VAL A 269 16.24 13.83 41.81
C VAL A 269 14.83 13.55 42.32
N HIS A 270 14.42 14.22 43.40
CA HIS A 270 13.08 13.97 43.94
C HIS A 270 12.00 14.39 42.95
N ARG A 271 12.20 15.50 42.24
CA ARG A 271 11.23 15.90 41.22
C ARG A 271 11.16 14.86 40.10
N VAL A 272 12.31 14.49 39.53
CA VAL A 272 12.33 13.51 38.44
C VAL A 272 11.60 12.25 38.83
N HIS A 273 11.96 11.67 39.99
CA HIS A 273 11.28 10.46 40.45
C HIS A 273 9.78 10.68 40.53
N SER A 274 9.35 11.82 41.06
CA SER A 274 7.93 11.99 41.32
C SER A 274 7.16 12.16 40.02
N TYR A 275 7.69 12.96 39.09
CA TYR A 275 7.20 13.01 37.71
C TYR A 275 7.03 11.63 37.10
N LEU A 276 8.09 10.83 37.14
CA LEU A 276 8.04 9.51 36.53
C LEU A 276 7.01 8.62 37.22
N GLU A 277 6.97 8.65 38.54
CA GLU A 277 6.04 7.77 39.25
C GLU A 277 4.60 8.14 38.93
N ARG A 278 4.35 9.45 38.79
CA ARG A 278 3.00 9.96 38.63
C ARG A 278 2.41 9.56 37.30
N HIS A 279 3.21 9.67 36.23
CA HIS A 279 2.73 9.35 34.90
C HIS A 279 3.07 7.94 34.47
N GLY A 280 3.23 7.04 35.42
CA GLY A 280 3.30 5.62 35.12
C GLY A 280 4.47 5.20 34.26
N LEU A 281 5.55 5.99 34.23
CA LEU A 281 6.76 5.54 33.56
C LEU A 281 7.56 4.58 34.44
N ILE A 282 7.33 4.62 35.76
CA ILE A 282 7.94 3.72 36.72
C ILE A 282 6.88 3.34 37.74
N ASN A 283 7.07 2.19 38.38
CA ASN A 283 6.12 1.68 39.37
C ASN A 283 4.70 1.70 38.82
N PHE A 284 4.52 1.01 37.69
CA PHE A 284 3.22 0.74 37.10
C PHE A 284 3.10 -0.76 36.87
N GLY A 285 1.89 -1.28 36.97
CA GLY A 285 1.70 -2.69 36.76
C GLY A 285 1.56 -3.44 38.07
N ILE A 286 2.14 -4.62 38.13
CA ILE A 286 2.07 -5.48 39.31
C ILE A 286 3.47 -5.57 39.90
N TYR A 287 3.72 -4.79 40.95
CA TYR A 287 5.00 -4.71 41.62
C TYR A 287 4.77 -4.87 43.12
N LYS A 288 5.53 -5.77 43.74
CA LYS A 288 5.57 -5.83 45.20
C LYS A 288 6.06 -4.49 45.72
N ARG A 289 5.22 -3.78 46.46
CA ARG A 289 5.60 -2.47 46.96
C ARG A 289 6.23 -2.57 48.33
N ILE A 290 7.13 -1.63 48.59
CA ILE A 290 7.86 -1.52 49.84
C ILE A 290 6.97 -0.86 50.88
N LYS A 291 6.59 0.40 50.61
CA LYS A 291 5.73 1.23 51.44
C LYS A 291 4.27 0.82 51.25
N PRO A 292 3.64 0.13 52.21
CA PRO A 292 2.24 -0.28 52.01
C PRO A 292 1.31 0.93 51.95
N LEU A 293 0.06 0.64 51.55
CA LEU A 293 -0.89 1.69 51.20
C LEU A 293 -1.15 2.63 52.37
N PRO A 294 -1.40 3.91 52.10
CA PRO A 294 -1.99 4.79 53.12
C PRO A 294 -3.23 4.16 53.74
N THR A 295 -3.26 4.15 55.08
CA THR A 295 -4.41 3.66 55.82
C THR A 295 -5.70 4.34 55.34
N LYS A 296 -5.67 5.67 55.24
CA LYS A 296 -6.81 6.45 54.81
C LYS A 296 -6.49 7.18 53.50
N LYS A 297 -7.53 7.29 52.68
CA LYS A 297 -7.43 7.59 51.27
C LYS A 297 -7.76 9.06 51.03
N THR A 298 -7.81 9.47 49.77
CA THR A 298 -8.15 10.84 49.43
C THR A 298 -8.94 10.88 48.14
N GLY A 299 -10.11 11.53 48.16
CA GLY A 299 -10.92 11.63 46.95
C GLY A 299 -11.54 10.31 46.52
N LYS A 300 -12.62 10.35 45.73
CA LYS A 300 -13.27 9.13 45.25
C LYS A 300 -13.41 9.16 43.73
N VAL A 301 -12.93 8.10 43.07
CA VAL A 301 -13.04 7.97 41.61
C VAL A 301 -13.84 6.73 41.26
N ILE A 302 -14.80 6.91 40.35
CA ILE A 302 -15.50 5.84 39.67
C ILE A 302 -14.94 5.66 38.27
N ILE A 303 -14.61 4.42 37.94
CA ILE A 303 -14.04 4.03 36.66
C ILE A 303 -15.06 3.17 35.94
N ILE A 304 -15.57 3.66 34.81
CA ILE A 304 -16.53 2.89 34.01
C ILE A 304 -15.76 1.94 33.12
N GLY A 305 -15.88 0.65 33.40
CA GLY A 305 -15.27 -0.38 32.56
C GLY A 305 -14.03 -0.95 33.20
N SER A 306 -13.92 -2.28 33.28
CA SER A 306 -12.69 -2.91 33.75
C SER A 306 -11.99 -3.61 32.61
N GLY A 307 -11.96 -2.98 31.43
CA GLY A 307 -10.99 -3.34 30.45
C GLY A 307 -9.67 -2.68 30.79
N VAL A 308 -8.62 -3.13 30.12
CA VAL A 308 -7.24 -2.82 30.49
C VAL A 308 -7.03 -1.33 30.73
N SER A 309 -7.60 -0.45 29.89
CA SER A 309 -7.41 0.97 30.19
C SER A 309 -7.91 1.27 31.58
N GLY A 310 -9.17 0.86 31.87
CA GLY A 310 -9.73 0.87 33.21
C GLY A 310 -8.83 0.33 34.29
N LEU A 311 -8.37 -0.92 34.20
CA LEU A 311 -7.59 -1.47 35.31
C LEU A 311 -6.29 -0.71 35.47
N ALA A 312 -5.68 -0.32 34.36
CA ALA A 312 -4.39 0.34 34.47
C ALA A 312 -4.51 1.64 35.27
N ALA A 313 -5.55 2.43 35.01
CA ALA A 313 -5.77 3.63 35.81
C ALA A 313 -6.05 3.26 37.26
N ALA A 314 -7.03 2.37 37.47
CA ALA A 314 -7.43 2.01 38.82
C ALA A 314 -6.23 1.61 39.66
N ARG A 315 -5.33 0.78 39.14
CA ARG A 315 -4.19 0.38 39.94
C ARG A 315 -3.31 1.58 40.27
N GLN A 316 -3.17 2.51 39.33
CA GLN A 316 -2.34 3.67 39.58
C GLN A 316 -2.96 4.58 40.62
N LEU A 317 -4.25 4.90 40.45
CA LEU A 317 -4.94 5.76 41.42
C LEU A 317 -4.90 5.15 42.81
N GLN A 318 -5.33 3.90 42.95
CA GLN A 318 -5.19 3.22 44.22
C GLN A 318 -3.77 3.30 44.74
N SER A 319 -2.77 3.10 43.88
CA SER A 319 -1.43 3.24 44.45
C SER A 319 -1.04 4.70 44.73
N PHE A 320 -1.87 5.68 44.38
CA PHE A 320 -1.58 7.06 44.76
C PHE A 320 -2.34 7.48 45.99
N GLY A 321 -3.08 6.56 46.61
CA GLY A 321 -3.84 6.87 47.80
C GLY A 321 -5.25 7.31 47.53
N MET A 322 -5.83 6.91 46.40
CA MET A 322 -7.19 7.30 46.14
C MET A 322 -8.10 6.11 46.33
N ASP A 323 -9.38 6.42 46.47
CA ASP A 323 -10.41 5.41 46.64
C ASP A 323 -11.02 5.20 45.26
N VAL A 324 -10.93 3.97 44.74
CA VAL A 324 -11.34 3.69 43.37
C VAL A 324 -12.31 2.53 43.34
N THR A 325 -13.35 2.67 42.55
CA THR A 325 -14.27 1.57 42.30
C THR A 325 -14.53 1.50 40.79
N LEU A 326 -14.42 0.30 40.22
CA LEU A 326 -14.69 0.06 38.83
C LEU A 326 -16.07 -0.58 38.67
N LEU A 327 -16.81 -0.06 37.71
CA LEU A 327 -18.15 -0.58 37.37
C LEU A 327 -17.99 -1.33 36.06
N GLU A 328 -18.35 -2.60 36.05
CA GLU A 328 -18.18 -3.44 34.85
C GLU A 328 -19.50 -4.06 34.44
N ALA A 329 -19.93 -3.87 33.21
CA ALA A 329 -21.20 -4.46 32.74
C ALA A 329 -21.10 -5.97 32.64
N ARG A 330 -19.96 -6.49 32.24
CA ARG A 330 -19.84 -7.94 32.03
C ARG A 330 -19.61 -8.68 33.35
N ASP A 331 -19.70 -9.99 33.29
CA ASP A 331 -19.39 -10.87 34.41
C ASP A 331 -17.91 -11.20 34.51
N ARG A 332 -17.03 -10.45 33.82
CA ARG A 332 -15.60 -10.71 33.88
C ARG A 332 -14.85 -9.43 33.55
N VAL A 333 -13.59 -9.39 33.96
CA VAL A 333 -12.70 -8.30 33.57
C VAL A 333 -12.07 -8.55 32.19
N GLY A 334 -11.32 -7.57 31.69
CA GLY A 334 -10.54 -7.70 30.47
C GLY A 334 -11.16 -7.01 29.27
N GLY A 335 -12.47 -6.91 29.23
CA GLY A 335 -13.08 -6.23 28.12
C GLY A 335 -12.80 -6.97 26.84
N ARG A 336 -12.15 -6.28 25.90
CA ARG A 336 -11.82 -6.85 24.61
C ARG A 336 -10.60 -7.75 24.68
N VAL A 337 -10.01 -7.96 25.86
CA VAL A 337 -9.12 -9.09 26.11
C VAL A 337 -9.99 -10.20 26.66
N ALA A 338 -10.48 -11.04 25.76
CA ALA A 338 -11.28 -12.22 26.05
C ALA A 338 -10.45 -13.48 25.74
N THR A 339 -10.72 -14.55 26.48
CA THR A 339 -9.97 -15.78 26.30
C THR A 339 -10.91 -16.95 26.47
N PHE A 340 -10.99 -17.80 25.44
CA PHE A 340 -11.78 -19.01 25.51
C PHE A 340 -11.01 -20.08 26.28
N ARG A 341 -11.72 -20.79 27.16
CA ARG A 341 -11.15 -21.91 27.91
C ARG A 341 -12.21 -22.98 28.08
N LYS A 342 -11.79 -24.22 27.83
CA LYS A 342 -12.62 -25.41 28.01
C LYS A 342 -11.61 -26.56 27.95
N GLY A 343 -11.57 -27.39 28.99
CA GLY A 343 -10.48 -28.35 29.11
C GLY A 343 -9.14 -27.68 28.97
N ASN A 344 -8.32 -28.24 28.08
CA ASN A 344 -6.96 -27.81 27.74
C ASN A 344 -6.95 -26.78 26.63
N TYR A 345 -8.08 -26.61 25.99
CA TYR A 345 -8.23 -25.70 24.87
C TYR A 345 -8.26 -24.26 25.37
N VAL A 346 -7.38 -23.43 24.79
CA VAL A 346 -7.21 -22.03 25.16
C VAL A 346 -7.00 -21.22 23.90
N ALA A 347 -7.83 -20.21 23.68
CA ALA A 347 -7.74 -19.42 22.45
C ALA A 347 -8.37 -18.06 22.69
N ASP A 348 -7.64 -17.00 22.38
CA ASP A 348 -8.15 -15.64 22.54
C ASP A 348 -9.16 -15.31 21.45
N LEU A 349 -10.37 -14.92 21.86
CA LEU A 349 -11.32 -14.32 20.95
C LEU A 349 -11.09 -12.82 20.76
N GLY A 350 -10.22 -12.23 21.59
CA GLY A 350 -9.95 -10.81 21.58
C GLY A 350 -8.52 -10.52 21.21
N ALA A 351 -7.85 -9.63 21.93
CA ALA A 351 -6.46 -9.39 21.64
C ALA A 351 -5.64 -10.68 21.72
N MET A 352 -4.60 -10.78 20.87
CA MET A 352 -3.80 -11.99 20.72
C MET A 352 -2.31 -11.75 20.61
N VAL A 353 -1.88 -10.61 20.11
CA VAL A 353 -0.52 -10.42 19.64
C VAL A 353 0.10 -9.24 20.36
N VAL A 354 1.28 -9.47 20.94
CA VAL A 354 2.15 -8.37 21.35
C VAL A 354 2.91 -7.93 20.11
N THR A 355 2.70 -6.71 19.67
CA THR A 355 3.35 -6.31 18.42
C THR A 355 4.79 -5.87 18.63
N GLY A 356 5.61 -6.71 19.23
CA GLY A 356 7.03 -6.36 19.40
C GLY A 356 7.30 -5.81 20.77
N LEU A 357 8.44 -6.16 21.35
CA LEU A 357 8.75 -5.71 22.71
C LEU A 357 9.61 -4.46 22.67
N GLY A 358 9.95 -3.96 21.49
CA GLY A 358 10.87 -2.82 21.54
C GLY A 358 10.12 -1.56 21.87
N GLY A 359 10.25 -1.09 23.10
CA GLY A 359 9.55 0.12 23.51
C GLY A 359 8.11 -0.17 23.85
N ASN A 360 7.80 -1.42 24.15
CA ASN A 360 6.40 -1.75 24.44
C ASN A 360 6.23 -1.97 25.93
N PRO A 361 5.31 -1.26 26.60
CA PRO A 361 5.09 -1.41 28.02
C PRO A 361 4.70 -2.85 28.34
N MET A 362 4.01 -3.53 27.44
CA MET A 362 3.68 -4.91 27.75
C MET A 362 4.94 -5.74 27.96
N ALA A 363 6.10 -5.24 27.53
CA ALA A 363 7.35 -5.87 27.91
C ALA A 363 7.53 -5.83 29.42
N VAL A 364 7.28 -4.68 30.05
CA VAL A 364 7.34 -4.60 31.51
C VAL A 364 6.35 -5.58 32.13
N VAL A 365 5.12 -5.59 31.64
CA VAL A 365 4.12 -6.46 32.23
C VAL A 365 4.51 -7.92 32.06
N SER A 366 5.27 -8.22 31.02
CA SER A 366 5.67 -9.60 30.75
C SER A 366 6.66 -10.12 31.79
N LYS A 367 7.40 -9.22 32.47
CA LYS A 367 8.27 -9.68 33.54
C LYS A 367 7.49 -9.78 34.84
N GLN A 368 6.47 -8.95 34.98
CA GLN A 368 5.69 -8.95 36.24
C GLN A 368 4.69 -10.08 36.18
N VAL A 369 4.27 -10.45 34.99
CA VAL A 369 3.28 -11.54 34.91
C VAL A 369 3.86 -12.62 34.03
N ASN A 370 3.76 -13.87 34.44
CA ASN A 370 4.36 -14.87 33.54
C ASN A 370 3.39 -15.05 32.39
N MET A 371 3.74 -14.48 31.24
CA MET A 371 2.93 -14.69 30.03
C MET A 371 3.77 -15.63 29.18
N GLU A 372 3.17 -16.68 28.63
CA GLU A 372 3.98 -17.57 27.77
C GLU A 372 4.07 -16.90 26.41
N LEU A 373 5.16 -16.19 26.16
CA LEU A 373 5.30 -15.43 24.91
C LEU A 373 5.98 -16.25 23.83
N ALA A 374 5.20 -16.62 22.81
CA ALA A 374 5.72 -17.41 21.69
C ALA A 374 5.97 -16.49 20.50
N LYS A 375 7.03 -16.74 19.75
CA LYS A 375 7.34 -15.90 18.58
C LYS A 375 6.44 -16.33 17.43
N ILE A 376 6.27 -15.47 16.45
CA ILE A 376 5.35 -15.82 15.34
C ILE A 376 6.14 -15.88 14.03
N LYS A 377 6.08 -17.04 13.36
CA LYS A 377 6.75 -17.23 12.06
C LYS A 377 5.83 -16.62 11.02
N GLN A 378 6.28 -15.60 10.31
CA GLN A 378 5.36 -14.88 9.40
C GLN A 378 5.20 -15.55 8.03
N LYS A 379 5.84 -16.68 7.78
CA LYS A 379 5.65 -17.33 6.46
C LYS A 379 4.20 -17.74 6.33
N CYS A 380 3.47 -17.14 5.41
CA CYS A 380 2.07 -17.48 5.21
C CYS A 380 1.86 -17.95 3.77
N PRO A 381 1.76 -19.26 3.54
CA PRO A 381 1.45 -19.77 2.20
C PRO A 381 -0.03 -19.61 1.85
N LEU A 382 -0.28 -19.16 0.63
CA LEU A 382 -1.63 -18.92 0.16
C LEU A 382 -2.20 -20.20 -0.47
N TYR A 383 -3.53 -20.25 -0.61
CA TYR A 383 -4.17 -21.39 -1.25
C TYR A 383 -5.43 -20.91 -1.95
N GLU A 384 -5.52 -21.15 -3.26
CA GLU A 384 -6.67 -20.69 -4.02
C GLU A 384 -7.92 -21.48 -3.64
N ALA A 385 -9.06 -21.04 -4.18
CA ALA A 385 -10.31 -21.68 -3.84
C ALA A 385 -10.29 -23.17 -4.19
N ASN A 386 -9.52 -23.55 -5.23
CA ASN A 386 -9.45 -24.94 -5.65
C ASN A 386 -9.01 -25.86 -4.50
N GLY A 387 -8.08 -25.37 -3.67
CA GLY A 387 -7.50 -26.16 -2.61
C GLY A 387 -6.02 -26.44 -2.77
N GLN A 388 -5.32 -25.72 -3.64
CA GLN A 388 -3.93 -26.03 -3.96
C GLN A 388 -3.12 -24.75 -3.93
N ALA A 389 -1.92 -24.87 -3.38
CA ALA A 389 -0.98 -23.77 -3.10
C ALA A 389 -0.75 -22.83 -4.27
N VAL A 390 -0.62 -21.56 -3.97
CA VAL A 390 -0.24 -20.64 -5.06
C VAL A 390 1.24 -20.87 -5.25
N PRO A 391 1.73 -20.94 -6.48
CA PRO A 391 3.13 -21.20 -6.73
C PRO A 391 3.93 -19.99 -6.26
N LYS A 392 5.18 -20.22 -5.89
CA LYS A 392 6.03 -19.13 -5.35
C LYS A 392 6.17 -17.97 -6.34
N GLU A 393 6.25 -18.24 -7.63
CA GLU A 393 6.34 -17.14 -8.63
C GLU A 393 5.20 -16.14 -8.41
N LYS A 394 3.94 -16.58 -8.41
CA LYS A 394 2.83 -15.63 -8.30
C LYS A 394 2.83 -15.00 -6.91
N ASP A 395 3.09 -15.81 -5.90
CA ASP A 395 3.02 -15.34 -4.50
C ASP A 395 3.97 -14.16 -4.33
N GLU A 396 5.18 -14.27 -4.82
CA GLU A 396 6.07 -13.10 -4.72
C GLU A 396 5.56 -11.98 -5.62
N MET A 397 5.06 -12.34 -6.79
CA MET A 397 4.68 -11.28 -7.75
C MET A 397 3.55 -10.43 -7.19
N VAL A 398 2.45 -11.08 -6.86
CA VAL A 398 1.24 -10.42 -6.45
C VAL A 398 1.50 -9.60 -5.19
N GLU A 399 2.16 -10.22 -4.21
CA GLU A 399 2.58 -9.48 -3.03
C GLU A 399 3.37 -8.22 -3.38
N GLN A 400 4.39 -8.34 -4.23
CA GLN A 400 5.18 -7.15 -4.56
C GLN A 400 4.33 -6.10 -5.25
N GLU A 401 3.34 -6.51 -6.03
CA GLU A 401 2.46 -5.52 -6.65
C GLU A 401 1.59 -4.87 -5.60
N PHE A 402 1.09 -5.67 -4.65
CA PHE A 402 0.37 -5.13 -3.49
C PHE A 402 1.16 -4.02 -2.80
N ASN A 403 2.39 -4.32 -2.34
CA ASN A 403 3.16 -3.28 -1.66
C ASN A 403 3.38 -2.09 -2.57
N ARG A 404 3.50 -2.35 -3.87
CA ARG A 404 3.69 -1.31 -4.85
C ARG A 404 2.46 -0.43 -4.95
N LEU A 405 1.29 -1.07 -4.99
CA LEU A 405 0.02 -0.34 -5.02
C LEU A 405 -0.16 0.53 -3.78
N LEU A 406 0.32 0.08 -2.62
CA LEU A 406 0.22 0.91 -1.42
C LEU A 406 1.04 2.19 -1.57
N GLU A 407 2.35 2.04 -1.83
CA GLU A 407 3.21 3.24 -1.98
C GLU A 407 2.63 4.19 -3.02
N ALA A 408 1.96 3.65 -4.04
CA ALA A 408 1.35 4.48 -5.06
C ALA A 408 0.26 5.38 -4.46
N THR A 409 -0.61 4.82 -3.60
CA THR A 409 -1.63 5.66 -2.95
C THR A 409 -0.97 6.74 -2.11
N SER A 410 0.05 6.36 -1.34
CA SER A 410 0.81 7.35 -0.57
C SER A 410 1.30 8.48 -1.47
N TYR A 411 1.89 8.09 -2.58
CA TYR A 411 2.44 9.10 -3.52
C TYR A 411 1.26 9.92 -3.98
N LEU A 412 0.19 9.23 -4.28
CA LEU A 412 -1.00 9.93 -4.78
C LEU A 412 -1.49 10.91 -3.72
N SER A 413 -1.52 10.51 -2.46
CA SER A 413 -1.98 11.46 -1.43
C SER A 413 -0.97 12.57 -1.19
N HIS A 414 0.28 12.21 -0.95
CA HIS A 414 1.32 13.21 -0.60
C HIS A 414 1.78 14.11 -1.73
N GLN A 415 1.97 13.60 -2.93
CA GLN A 415 2.50 14.47 -3.99
C GLN A 415 1.41 15.01 -4.92
N LEU A 416 0.22 14.46 -4.88
CA LEU A 416 -0.77 15.01 -5.83
C LEU A 416 -1.94 15.59 -5.08
N ASP A 417 -1.85 15.58 -3.76
CA ASP A 417 -2.90 16.15 -2.88
C ASP A 417 -4.29 15.66 -3.29
N PHE A 418 -4.38 14.37 -3.62
CA PHE A 418 -5.63 13.72 -4.03
C PHE A 418 -6.40 13.25 -2.79
N ASN A 419 -6.83 14.21 -1.98
CA ASN A 419 -7.49 13.85 -0.73
C ASN A 419 -8.92 14.35 -0.62
N VAL A 420 -9.45 15.03 -1.63
CA VAL A 420 -10.84 15.44 -1.66
C VAL A 420 -11.38 15.19 -3.06
N LEU A 421 -12.62 14.69 -3.14
CA LEU A 421 -13.21 14.34 -4.43
C LEU A 421 -14.72 14.43 -4.31
N ASN A 422 -15.31 15.43 -4.96
CA ASN A 422 -16.76 15.69 -4.91
C ASN A 422 -17.17 16.22 -3.55
N ASN A 423 -16.31 17.02 -2.94
CA ASN A 423 -16.52 17.56 -1.58
C ASN A 423 -16.63 16.42 -0.55
N LYS A 424 -15.84 15.38 -0.72
CA LYS A 424 -15.89 14.22 0.16
C LYS A 424 -14.45 13.73 0.33
N PRO A 425 -14.06 13.27 1.51
CA PRO A 425 -12.68 12.82 1.69
C PRO A 425 -12.44 11.52 0.96
N VAL A 426 -11.24 11.41 0.40
CA VAL A 426 -10.87 10.21 -0.35
C VAL A 426 -10.50 9.12 0.63
N SER A 427 -11.04 7.92 0.40
CA SER A 427 -10.59 6.79 1.20
C SER A 427 -9.37 6.11 0.57
N LEU A 428 -8.81 5.16 1.32
CA LEU A 428 -7.78 4.29 0.78
C LEU A 428 -8.33 3.43 -0.34
N GLY A 429 -9.50 2.79 -0.11
CA GLY A 429 -10.14 1.98 -1.14
C GLY A 429 -10.30 2.72 -2.47
N GLN A 430 -10.88 3.93 -2.42
CA GLN A 430 -10.97 4.75 -3.63
C GLN A 430 -9.60 4.92 -4.28
N ALA A 431 -8.58 5.25 -3.49
CA ALA A 431 -7.27 5.54 -4.06
C ALA A 431 -6.68 4.31 -4.75
N LEU A 432 -6.83 3.11 -4.16
CA LEU A 432 -6.35 1.91 -4.84
C LEU A 432 -7.08 1.68 -6.16
N GLU A 433 -8.41 1.82 -6.17
CA GLU A 433 -9.14 1.70 -7.43
C GLU A 433 -8.57 2.65 -8.48
N VAL A 434 -8.29 3.90 -8.09
CA VAL A 434 -7.72 4.83 -9.07
C VAL A 434 -6.36 4.32 -9.54
N VAL A 435 -5.49 3.92 -8.61
CA VAL A 435 -4.16 3.46 -9.00
C VAL A 435 -4.26 2.24 -9.91
N ILE A 436 -5.14 1.30 -9.59
CA ILE A 436 -5.29 0.13 -10.46
C ILE A 436 -5.78 0.55 -11.83
N GLN A 437 -6.87 1.31 -11.89
CA GLN A 437 -7.40 1.76 -13.17
C GLN A 437 -6.31 2.44 -14.01
N LEU A 438 -5.44 3.23 -13.37
CA LEU A 438 -4.38 3.89 -14.12
C LEU A 438 -3.27 2.91 -14.52
N GLN A 439 -3.13 1.78 -13.84
CA GLN A 439 -2.21 0.76 -14.32
C GLN A 439 -2.85 -0.11 -15.40
N GLU A 440 -4.16 -0.28 -15.35
CA GLU A 440 -4.84 -0.89 -16.49
C GLU A 440 -4.84 0.05 -17.69
N LYS A 441 -4.92 1.36 -17.45
CA LYS A 441 -4.87 2.32 -18.55
C LYS A 441 -3.50 2.30 -19.22
N HIS A 442 -2.44 2.23 -18.43
CA HIS A 442 -1.11 2.29 -19.02
C HIS A 442 -0.82 1.04 -19.84
N VAL A 443 -1.25 -0.14 -19.38
CA VAL A 443 -1.15 -1.34 -20.22
C VAL A 443 -1.77 -1.11 -21.58
N LYS A 444 -2.94 -0.46 -21.63
CA LYS A 444 -3.60 -0.25 -22.91
C LYS A 444 -2.92 0.86 -23.71
N ASP A 445 -2.45 1.87 -23.03
CA ASP A 445 -1.73 2.94 -23.74
C ASP A 445 -0.48 2.31 -24.34
N GLU A 446 0.17 1.44 -23.59
CA GLU A 446 1.42 0.83 -24.08
C GLU A 446 1.13 -0.01 -25.30
N GLN A 447 0.07 -0.80 -25.26
CA GLN A 447 -0.20 -1.67 -26.41
C GLN A 447 -0.49 -0.83 -27.63
N ILE A 448 -1.34 0.17 -27.47
CA ILE A 448 -1.73 1.04 -28.60
C ILE A 448 -0.48 1.57 -29.28
N GLU A 449 0.44 2.12 -28.51
CA GLU A 449 1.66 2.65 -29.15
C GLU A 449 2.44 1.50 -29.82
N HIS A 450 2.51 0.33 -29.23
CA HIS A 450 3.29 -0.74 -29.89
C HIS A 450 2.69 -1.11 -31.22
N TRP A 451 1.39 -1.33 -31.28
CA TRP A 451 0.76 -1.70 -32.58
C TRP A 451 0.87 -0.52 -33.54
N LYS A 452 0.73 0.70 -33.03
CA LYS A 452 0.84 1.91 -33.89
C LYS A 452 2.23 1.94 -34.54
N LYS A 453 3.28 1.56 -33.83
CA LYS A 453 4.60 1.49 -34.47
C LYS A 453 4.54 0.45 -35.59
N ILE A 454 3.91 -0.68 -35.37
CA ILE A 454 3.87 -1.70 -36.44
C ILE A 454 3.15 -1.15 -37.66
N VAL A 455 1.97 -0.60 -37.50
CA VAL A 455 1.27 -0.15 -38.73
C VAL A 455 2.07 0.97 -39.36
N LYS A 456 2.90 1.66 -38.60
CA LYS A 456 3.62 2.76 -39.29
C LYS A 456 4.57 2.14 -40.29
N THR A 457 5.27 1.08 -39.90
CA THR A 457 6.23 0.46 -40.84
C THR A 457 5.46 -0.30 -41.90
N GLN A 458 4.34 -0.92 -41.56
CA GLN A 458 3.58 -1.63 -42.61
C GLN A 458 3.17 -0.63 -43.68
N GLU A 459 2.67 0.54 -43.29
CA GLU A 459 2.37 1.57 -44.30
C GLU A 459 3.65 1.94 -45.03
N GLU A 460 4.77 2.10 -44.31
CA GLU A 460 6.05 2.39 -44.99
C GLU A 460 6.35 1.27 -45.99
N LEU A 461 6.17 0.02 -45.58
CA LEU A 461 6.41 -1.10 -46.53
C LEU A 461 5.49 -0.94 -47.73
N LYS A 462 4.19 -0.79 -47.52
CA LYS A 462 3.19 -0.65 -48.57
C LYS A 462 3.70 0.26 -49.68
N GLU A 463 4.23 1.43 -49.31
CA GLU A 463 4.70 2.37 -50.32
C GLU A 463 6.01 1.93 -50.98
N LEU A 464 6.74 1.01 -50.35
CA LEU A 464 7.90 0.44 -51.00
C LEU A 464 7.48 -0.52 -52.10
N LEU A 465 6.53 -1.40 -51.81
CA LEU A 465 6.12 -2.39 -52.79
C LEU A 465 5.49 -1.73 -54.02
N ASN A 466 4.45 -0.88 -53.81
CA ASN A 466 4.01 0.07 -54.84
C ASN A 466 5.17 0.68 -55.63
N LYS A 467 6.22 1.12 -54.96
CA LYS A 467 7.31 1.65 -55.78
C LYS A 467 8.07 0.53 -56.52
N MET A 468 8.05 -0.69 -56.01
CA MET A 468 8.75 -1.81 -56.64
C MET A 468 7.93 -2.56 -57.69
N VAL A 469 6.62 -2.75 -57.49
CA VAL A 469 5.80 -3.17 -58.62
C VAL A 469 5.95 -2.21 -59.79
N ASN A 470 5.77 -0.91 -59.55
CA ASN A 470 5.80 0.05 -60.65
C ASN A 470 7.17 0.11 -61.30
N LEU A 471 8.22 -0.20 -60.56
CA LEU A 471 9.55 -0.21 -61.16
C LEU A 471 9.76 -1.49 -61.98
N LYS A 472 9.30 -2.60 -61.44
CA LYS A 472 9.45 -3.85 -62.18
C LYS A 472 8.66 -3.74 -63.47
N GLU A 473 7.52 -3.07 -63.44
CA GLU A 473 6.76 -2.97 -64.71
C GLU A 473 7.61 -2.22 -65.72
N LYS A 474 8.23 -1.12 -65.32
CA LYS A 474 9.06 -0.33 -66.26
C LYS A 474 10.24 -1.20 -66.71
N ILE A 475 10.83 -1.94 -65.79
CA ILE A 475 11.98 -2.78 -66.18
C ILE A 475 11.52 -3.80 -67.21
N LYS A 476 10.36 -4.41 -67.01
CA LYS A 476 9.90 -5.42 -67.97
C LYS A 476 9.72 -4.78 -69.34
N GLU A 477 9.16 -3.58 -69.38
CA GLU A 477 8.99 -2.90 -70.68
C GLU A 477 10.36 -2.63 -71.29
N LEU A 478 11.27 -1.95 -70.58
CA LEU A 478 12.57 -1.61 -71.16
C LEU A 478 13.29 -2.82 -71.72
N HIS A 479 13.27 -3.92 -70.97
CA HIS A 479 13.94 -5.12 -71.45
C HIS A 479 13.44 -5.49 -72.83
N GLN A 480 12.11 -5.55 -72.99
CA GLN A 480 11.54 -5.79 -74.31
C GLN A 480 12.09 -4.82 -75.33
N GLN A 481 12.02 -3.53 -75.03
CA GLN A 481 12.55 -2.52 -75.96
C GLN A 481 14.00 -2.82 -76.33
N TYR A 482 14.81 -3.19 -75.33
CA TYR A 482 16.22 -3.49 -75.61
C TYR A 482 16.35 -4.73 -76.47
N LYS A 483 15.66 -5.81 -76.11
CA LYS A 483 15.82 -7.04 -76.88
C LYS A 483 15.33 -6.85 -78.33
N GLU A 484 14.41 -5.92 -78.53
CA GLU A 484 13.97 -5.67 -79.91
C GLU A 484 15.08 -4.93 -80.63
N ALA A 485 15.62 -3.90 -80.01
CA ALA A 485 16.70 -3.09 -80.60
C ALA A 485 17.94 -3.95 -80.79
N SER A 486 18.21 -4.84 -79.86
CA SER A 486 19.35 -5.77 -79.96
C SER A 486 19.14 -6.78 -81.08
N GLU A 487 17.89 -7.08 -81.42
CA GLU A 487 17.57 -8.08 -82.48
C GLU A 487 17.66 -7.46 -83.87
N VAL A 488 17.94 -6.18 -83.99
CA VAL A 488 18.15 -5.63 -85.36
C VAL A 488 19.58 -6.02 -85.71
N LYS A 489 19.76 -7.07 -86.48
CA LYS A 489 21.12 -7.57 -86.73
C LYS A 489 22.00 -6.54 -87.41
N PRO A 490 23.29 -6.53 -87.10
CA PRO A 490 24.26 -5.61 -87.64
C PRO A 490 24.60 -6.02 -89.07
N PRO A 491 25.09 -5.12 -89.93
CA PRO A 491 25.75 -3.91 -89.53
C PRO A 491 24.69 -2.81 -89.47
N ARG A 492 24.79 -1.95 -88.48
CA ARG A 492 23.77 -0.89 -88.35
C ARG A 492 24.44 0.46 -88.39
N ASP A 493 23.63 1.51 -88.48
CA ASP A 493 24.13 2.87 -88.44
C ASP A 493 24.29 3.26 -86.96
N ILE A 494 24.84 4.44 -86.70
CA ILE A 494 25.25 4.68 -85.32
C ILE A 494 24.09 5.01 -84.40
N THR A 495 22.97 5.53 -84.91
CA THR A 495 21.81 5.72 -84.05
C THR A 495 21.25 4.37 -83.58
N ALA A 496 21.12 3.40 -84.49
CA ALA A 496 20.70 2.06 -84.11
C ALA A 496 21.63 1.42 -83.09
N GLU A 497 22.92 1.77 -83.13
CA GLU A 497 23.87 1.26 -82.15
C GLU A 497 23.69 1.99 -80.83
N PHE A 498 23.48 3.30 -80.90
CA PHE A 498 23.18 4.09 -79.71
C PHE A 498 21.95 3.54 -79.01
N LEU A 499 20.96 3.11 -79.77
CA LEU A 499 19.73 2.60 -79.16
C LEU A 499 20.02 1.36 -78.32
N VAL A 500 20.81 0.42 -78.83
CA VAL A 500 21.17 -0.75 -78.03
C VAL A 500 21.90 -0.32 -76.77
N LYS A 501 22.92 0.52 -76.92
CA LYS A 501 23.73 0.89 -75.77
C LYS A 501 22.90 1.66 -74.74
N SER A 502 22.13 2.67 -75.19
CA SER A 502 21.42 3.50 -74.22
C SER A 502 20.37 2.69 -73.49
N LYS A 503 19.53 1.96 -74.23
CA LYS A 503 18.60 1.04 -73.59
C LYS A 503 19.30 0.12 -72.60
N HIS A 504 20.57 -0.24 -72.86
CA HIS A 504 21.28 -1.11 -71.93
C HIS A 504 21.67 -0.37 -70.67
N ARG A 505 22.13 0.87 -70.81
CA ARG A 505 22.37 1.72 -69.65
C ARG A 505 21.08 1.92 -68.86
N ASP A 506 20.04 2.44 -69.51
CA ASP A 506 18.74 2.67 -68.89
C ASP A 506 18.23 1.44 -68.16
N LEU A 507 18.51 0.24 -68.66
CA LEU A 507 17.99 -0.94 -67.99
C LEU A 507 18.79 -1.29 -66.73
N THR A 508 20.11 -1.25 -66.81
CA THR A 508 20.90 -1.51 -65.60
C THR A 508 20.70 -0.41 -64.55
N ALA A 509 20.35 0.81 -65.00
CA ALA A 509 20.02 1.87 -64.06
C ALA A 509 18.78 1.53 -63.25
N LEU A 510 17.67 1.15 -63.91
CA LEU A 510 16.48 0.76 -63.15
C LEU A 510 16.74 -0.53 -62.40
N CYS A 511 17.49 -1.46 -62.97
CA CYS A 511 17.82 -2.68 -62.25
C CYS A 511 18.63 -2.39 -60.99
N LYS A 512 19.36 -1.27 -60.96
CA LYS A 512 20.11 -0.92 -59.77
C LYS A 512 19.17 -0.38 -58.68
N GLU A 513 18.29 0.56 -59.05
CA GLU A 513 17.25 1.03 -58.14
C GLU A 513 16.54 -0.13 -57.47
N TYR A 514 16.00 -1.02 -58.28
CA TYR A 514 15.21 -2.16 -57.76
C TYR A 514 16.04 -3.00 -56.81
N ASP A 515 17.35 -3.04 -56.95
CA ASP A 515 18.13 -3.81 -55.99
C ASP A 515 18.28 -3.06 -54.67
N GLU A 516 18.53 -1.74 -54.73
CA GLU A 516 18.54 -0.92 -53.52
C GLU A 516 17.18 -0.92 -52.82
N LEU A 517 16.11 -1.10 -53.57
CA LEU A 517 14.80 -1.16 -52.88
C LEU A 517 14.63 -2.53 -52.27
N ALA A 518 15.13 -3.57 -52.92
CA ALA A 518 14.98 -4.91 -52.31
C ALA A 518 15.79 -4.99 -51.03
N GLU A 519 16.96 -4.36 -50.98
CA GLU A 519 17.75 -4.40 -49.74
C GLU A 519 16.93 -3.70 -48.66
N THR A 520 16.38 -2.54 -49.00
CA THR A 520 15.56 -1.80 -48.02
C THR A 520 14.34 -2.61 -47.63
N GLN A 521 13.72 -3.32 -48.57
CA GLN A 521 12.53 -4.10 -48.17
C GLN A 521 12.90 -5.15 -47.13
N GLY A 522 14.05 -5.80 -47.27
CA GLY A 522 14.38 -6.82 -46.27
C GLY A 522 14.49 -6.24 -44.88
N LYS A 523 15.04 -5.02 -44.80
CA LYS A 523 15.19 -4.31 -43.51
C LYS A 523 13.83 -4.15 -42.87
N LEU A 524 12.87 -3.59 -43.59
CA LEU A 524 11.54 -3.43 -42.97
C LEU A 524 10.95 -4.81 -42.66
N GLU A 525 11.13 -5.78 -43.53
CA GLU A 525 10.58 -7.13 -43.29
C GLU A 525 11.07 -7.71 -41.96
N GLU A 526 12.33 -7.49 -41.57
CA GLU A 526 12.73 -8.10 -40.28
C GLU A 526 12.22 -7.26 -39.11
N LYS A 527 12.08 -5.94 -39.29
CA LYS A 527 11.59 -5.11 -38.18
C LYS A 527 10.24 -5.66 -37.73
N LEU A 528 9.33 -5.84 -38.67
CA LEU A 528 7.99 -6.36 -38.34
C LEU A 528 8.15 -7.71 -37.64
N GLN A 529 9.17 -8.49 -37.98
CA GLN A 529 9.36 -9.73 -37.20
C GLN A 529 9.80 -9.35 -35.78
N GLU A 530 10.69 -8.38 -35.65
CA GLU A 530 11.15 -8.01 -34.30
C GLU A 530 9.96 -7.57 -33.45
N LEU A 531 9.23 -6.57 -33.91
CA LEU A 531 8.12 -6.03 -33.10
C LEU A 531 7.12 -7.12 -32.83
N GLU A 532 6.62 -7.77 -33.86
CA GLU A 532 5.58 -8.80 -33.64
C GLU A 532 6.11 -9.90 -32.74
N ALA A 533 7.35 -9.78 -32.27
CA ALA A 533 7.95 -10.84 -31.44
C ALA A 533 8.36 -10.24 -30.10
N ASN A 534 8.13 -8.94 -29.91
CA ASN A 534 8.45 -8.24 -28.65
C ASN A 534 7.20 -7.48 -28.22
N PRO A 535 6.04 -8.11 -28.07
CA PRO A 535 4.84 -7.39 -27.76
C PRO A 535 4.89 -7.13 -26.26
N PRO A 536 4.25 -6.06 -25.78
CA PRO A 536 4.27 -5.75 -24.38
C PRO A 536 3.16 -6.53 -23.66
N SER A 537 3.09 -6.36 -22.34
CA SER A 537 2.14 -7.08 -21.47
C SER A 537 0.72 -7.04 -22.02
N ASP A 538 0.11 -8.21 -22.09
CA ASP A 538 -1.26 -8.35 -22.62
C ASP A 538 -2.25 -7.76 -21.62
N VAL A 539 -2.03 -7.98 -20.33
CA VAL A 539 -2.97 -7.46 -19.29
C VAL A 539 -2.17 -6.96 -18.09
N TYR A 540 -2.83 -6.21 -17.22
CA TYR A 540 -2.22 -5.76 -15.97
C TYR A 540 -2.26 -6.86 -14.92
N LEU A 541 -3.44 -7.39 -14.68
CA LEU A 541 -3.55 -8.48 -13.69
C LEU A 541 -4.63 -9.42 -14.20
N SER A 542 -4.34 -10.72 -14.20
CA SER A 542 -5.37 -11.67 -14.65
C SER A 542 -6.36 -11.88 -13.50
N SER A 543 -7.49 -12.47 -13.80
CA SER A 543 -8.52 -12.73 -12.76
C SER A 543 -7.92 -13.60 -11.66
N ARG A 544 -7.12 -14.60 -12.00
CA ARG A 544 -6.46 -15.37 -10.93
C ARG A 544 -5.55 -14.39 -10.18
N ASP A 545 -4.79 -13.56 -10.87
CA ASP A 545 -3.88 -12.66 -10.12
C ASP A 545 -4.71 -11.71 -9.26
N ARG A 546 -5.78 -11.14 -9.79
CA ARG A 546 -6.57 -10.17 -9.00
C ARG A 546 -7.16 -10.85 -7.76
N GLN A 547 -7.59 -12.10 -7.87
CA GLN A 547 -8.12 -12.78 -6.67
C GLN A 547 -7.01 -12.88 -5.64
N ILE A 548 -5.80 -13.22 -6.05
CA ILE A 548 -4.70 -13.31 -5.06
C ILE A 548 -4.45 -11.94 -4.47
N LEU A 549 -4.52 -10.88 -5.26
CA LEU A 549 -4.35 -9.53 -4.71
C LEU A 549 -5.46 -9.28 -3.71
N ASP A 550 -6.69 -9.66 -4.03
CA ASP A 550 -7.83 -9.45 -3.11
C ASP A 550 -7.50 -10.04 -1.76
N TRP A 551 -6.59 -11.00 -1.67
CA TRP A 551 -6.30 -11.55 -0.37
C TRP A 551 -5.42 -10.60 0.43
N HIS A 552 -4.39 -10.06 -0.20
CA HIS A 552 -3.56 -9.08 0.48
C HIS A 552 -4.40 -7.90 0.97
N PHE A 553 -5.46 -7.54 0.23
CA PHE A 553 -6.37 -6.50 0.70
C PHE A 553 -7.15 -6.96 1.92
N ALA A 554 -7.72 -8.16 1.84
CA ALA A 554 -8.38 -8.74 3.01
C ALA A 554 -7.46 -8.68 4.22
N ASN A 555 -6.18 -9.02 4.04
CA ASN A 555 -5.24 -8.97 5.16
C ASN A 555 -5.13 -7.57 5.72
N LEU A 556 -5.14 -6.55 4.85
CA LEU A 556 -5.06 -5.16 5.28
C LEU A 556 -6.37 -4.72 5.92
N GLU A 557 -7.51 -5.13 5.33
CA GLU A 557 -8.79 -4.92 5.95
C GLU A 557 -8.85 -5.54 7.33
N PHE A 558 -8.16 -6.67 7.49
CA PHE A 558 -8.14 -7.35 8.76
C PHE A 558 -7.31 -6.60 9.79
N ALA A 559 -6.15 -6.10 9.40
CA ALA A 559 -5.31 -5.41 10.35
C ALA A 559 -5.97 -4.13 10.85
N ASN A 560 -6.67 -3.44 9.96
CA ASN A 560 -7.36 -2.21 10.32
C ASN A 560 -8.80 -2.46 10.77
N ALA A 561 -9.24 -3.71 10.71
CA ALA A 561 -10.58 -4.08 11.11
C ALA A 561 -11.67 -3.24 10.42
N THR A 562 -11.49 -2.92 9.14
CA THR A 562 -12.55 -2.24 8.40
C THR A 562 -12.31 -2.36 6.91
N PRO A 563 -13.38 -2.39 6.10
CA PRO A 563 -13.22 -2.25 4.65
C PRO A 563 -12.40 -1.03 4.26
N LEU A 564 -11.50 -1.23 3.27
CA LEU A 564 -10.61 -0.16 2.84
C LEU A 564 -11.36 1.07 2.32
N SER A 565 -12.64 0.96 2.01
CA SER A 565 -13.38 2.14 1.58
C SER A 565 -13.68 3.10 2.72
N THR A 566 -13.46 2.68 3.98
CA THR A 566 -13.71 3.57 5.11
C THR A 566 -12.45 4.23 5.66
N LEU A 567 -11.25 3.65 5.41
CA LEU A 567 -10.01 4.22 5.92
C LEU A 567 -9.69 5.56 5.26
N SER A 568 -9.27 6.53 6.05
CA SER A 568 -8.79 7.79 5.49
C SER A 568 -7.54 7.58 4.64
N LEU A 569 -7.56 8.07 3.39
CA LEU A 569 -6.36 7.98 2.57
C LEU A 569 -5.19 8.71 3.23
N LYS A 570 -5.41 9.98 3.62
CA LYS A 570 -4.32 10.76 4.16
C LYS A 570 -3.74 10.14 5.44
N HIS A 571 -4.60 9.68 6.36
CA HIS A 571 -4.16 9.45 7.73
C HIS A 571 -4.21 8.00 8.21
N TRP A 572 -4.63 7.03 7.40
CA TRP A 572 -4.88 5.68 7.92
C TRP A 572 -3.65 5.05 8.57
N ASP A 573 -2.46 5.47 8.17
CA ASP A 573 -1.23 4.89 8.67
C ASP A 573 -0.48 5.88 9.55
N GLN A 574 -1.18 6.86 10.14
CA GLN A 574 -0.53 7.92 10.91
C GLN A 574 0.22 7.41 12.13
N ASP A 575 0.09 6.14 12.49
CA ASP A 575 0.76 5.61 13.67
C ASP A 575 1.87 4.62 13.34
N ASP A 576 2.21 4.40 12.05
CA ASP A 576 3.31 3.48 11.73
C ASP A 576 4.64 4.01 12.20
N ASP A 577 4.78 5.32 12.42
CA ASP A 577 6.05 5.84 12.91
C ASP A 577 6.39 5.31 14.31
N PHE A 578 5.37 5.03 15.12
CA PHE A 578 5.61 4.63 16.50
C PHE A 578 5.57 3.12 16.67
N GLU A 579 5.74 2.40 15.58
CA GLU A 579 5.67 0.94 15.61
C GLU A 579 6.77 0.40 16.51
N PHE A 580 6.47 -0.67 17.22
CA PHE A 580 7.51 -1.25 18.07
C PHE A 580 8.52 -2.02 17.23
N THR A 581 9.67 -2.32 17.83
CA THR A 581 10.66 -3.18 17.19
C THR A 581 10.62 -4.58 17.79
N GLY A 582 11.14 -5.54 17.03
CA GLY A 582 11.16 -6.93 17.43
C GLY A 582 10.05 -7.73 16.79
N SER A 583 10.14 -9.03 16.97
CA SER A 583 9.17 -9.95 16.40
C SER A 583 7.81 -9.73 17.06
N HIS A 584 6.76 -10.17 16.38
CA HIS A 584 5.45 -10.23 17.00
C HIS A 584 5.28 -11.57 17.72
N LEU A 585 4.41 -11.59 18.73
CA LEU A 585 4.34 -12.70 19.66
C LEU A 585 2.89 -13.01 19.99
N THR A 586 2.61 -14.26 20.33
CA THR A 586 1.32 -14.59 20.91
C THR A 586 1.49 -14.93 22.37
N VAL A 587 0.36 -15.16 23.03
CA VAL A 587 0.31 -15.52 24.44
C VAL A 587 -0.29 -16.92 24.47
N ARG A 588 0.57 -17.93 24.64
CA ARG A 588 0.09 -19.30 24.48
C ARG A 588 -0.84 -19.72 25.61
N ASN A 589 -0.70 -19.12 26.79
CA ASN A 589 -1.57 -19.46 27.93
C ASN A 589 -2.82 -18.60 27.99
N GLY A 590 -3.14 -17.84 26.93
CA GLY A 590 -4.31 -16.98 26.94
C GLY A 590 -3.99 -15.59 27.48
N TYR A 591 -4.47 -14.55 26.80
CA TYR A 591 -4.13 -13.18 27.13
C TYR A 591 -4.94 -12.65 28.30
N SER A 592 -6.03 -13.34 28.66
CA SER A 592 -6.80 -12.97 29.84
C SER A 592 -5.93 -12.98 31.09
N CYS A 593 -4.85 -13.75 31.08
CA CYS A 593 -3.99 -13.81 32.24
C CYS A 593 -3.53 -12.43 32.69
N VAL A 594 -3.60 -11.42 31.82
CA VAL A 594 -3.04 -10.09 32.13
C VAL A 594 -4.06 -9.19 32.81
N PRO A 595 -5.26 -8.95 32.25
CA PRO A 595 -6.25 -8.22 33.03
C PRO A 595 -6.55 -8.89 34.35
N VAL A 596 -6.79 -10.20 34.35
CA VAL A 596 -7.02 -10.89 35.60
C VAL A 596 -5.93 -10.54 36.60
N ALA A 597 -4.69 -10.49 36.15
CA ALA A 597 -3.60 -10.15 37.05
C ALA A 597 -3.71 -8.72 37.55
N LEU A 598 -4.09 -7.79 36.68
CA LEU A 598 -4.20 -6.39 37.09
C LEU A 598 -5.37 -6.18 38.03
N ALA A 599 -6.44 -6.96 37.87
CA ALA A 599 -7.64 -6.79 38.69
C ALA A 599 -7.39 -7.09 40.17
N GLU A 600 -6.29 -7.75 40.52
CA GLU A 600 -6.05 -8.18 41.89
C GLU A 600 -6.02 -6.99 42.85
N GLY A 601 -6.83 -7.08 43.91
CA GLY A 601 -6.80 -6.08 44.96
C GLY A 601 -7.55 -4.82 44.63
N LEU A 602 -8.53 -4.89 43.75
CA LEU A 602 -9.27 -3.73 43.29
C LEU A 602 -10.74 -3.97 43.51
N ASP A 603 -11.47 -2.89 43.75
CA ASP A 603 -12.89 -2.98 44.05
C ASP A 603 -13.62 -2.94 42.71
N ILE A 604 -14.07 -4.10 42.25
CA ILE A 604 -14.71 -4.21 40.93
C ILE A 604 -16.13 -4.70 41.13
N LYS A 605 -17.10 -3.99 40.56
CA LYS A 605 -18.49 -4.41 40.61
C LYS A 605 -18.85 -5.04 39.26
N LEU A 606 -18.85 -6.37 39.19
CA LEU A 606 -19.25 -7.02 37.94
C LEU A 606 -20.76 -7.05 37.80
N ASN A 607 -21.21 -7.23 36.57
CA ASN A 607 -22.65 -7.29 36.27
C ASN A 607 -23.35 -6.00 36.67
N THR A 608 -22.65 -4.88 36.49
CA THR A 608 -23.11 -3.55 36.86
C THR A 608 -23.02 -2.68 35.60
N ALA A 609 -24.15 -2.40 35.00
CA ALA A 609 -24.11 -1.63 33.75
C ALA A 609 -24.35 -0.16 34.01
N VAL A 610 -23.41 0.70 33.66
CA VAL A 610 -23.67 2.13 33.89
C VAL A 610 -24.77 2.54 32.94
N ARG A 611 -25.72 3.32 33.41
CA ARG A 611 -26.84 3.71 32.55
C ARG A 611 -26.84 5.22 32.39
N GLN A 612 -26.28 5.95 33.34
CA GLN A 612 -26.30 7.42 33.20
C GLN A 612 -25.14 8.02 33.98
N VAL A 613 -24.53 9.06 33.43
CA VAL A 613 -23.38 9.70 34.06
C VAL A 613 -23.76 11.15 34.30
N ARG A 614 -23.71 11.57 35.57
CA ARG A 614 -24.12 12.89 36.04
C ARG A 614 -22.90 13.58 36.63
N TYR A 615 -22.54 14.74 36.08
CA TYR A 615 -21.35 15.44 36.54
C TYR A 615 -21.73 16.91 36.72
N THR A 616 -21.34 17.49 37.85
CA THR A 616 -21.71 18.85 38.22
C THR A 616 -20.53 19.48 38.92
N ALA A 617 -20.65 20.80 39.16
CA ALA A 617 -19.53 21.54 39.71
C ALA A 617 -19.11 21.09 41.10
N SER A 618 -19.84 20.19 41.75
CA SER A 618 -19.49 19.74 43.10
C SER A 618 -19.15 18.27 43.19
N GLY A 619 -19.35 17.52 42.11
CA GLY A 619 -19.03 16.11 42.09
C GLY A 619 -19.91 15.40 41.07
N CYS A 620 -19.87 14.07 41.12
CA CYS A 620 -20.52 13.25 40.11
C CYS A 620 -21.30 12.15 40.79
N GLU A 621 -22.41 11.78 40.16
CA GLU A 621 -23.10 10.54 40.51
C GLU A 621 -23.23 9.71 39.24
N VAL A 622 -22.88 8.43 39.36
CA VAL A 622 -22.98 7.44 38.29
C VAL A 622 -24.10 6.50 38.68
N ILE A 623 -25.03 6.27 37.75
CA ILE A 623 -26.21 5.43 37.98
C ILE A 623 -26.10 4.16 37.15
N ALA A 624 -26.08 3.00 37.82
CA ALA A 624 -25.97 1.71 37.14
C ALA A 624 -27.06 0.74 37.61
N VAL A 625 -27.32 -0.29 36.80
CA VAL A 625 -28.27 -1.34 37.14
C VAL A 625 -27.53 -2.68 37.20
N ASN A 626 -28.22 -3.69 37.73
CA ASN A 626 -27.72 -5.05 37.67
C ASN A 626 -28.10 -5.69 36.33
N THR A 627 -27.15 -6.31 35.68
CA THR A 627 -27.46 -6.87 34.34
C THR A 627 -28.38 -8.07 34.47
N ARG A 628 -28.15 -8.93 35.45
CA ARG A 628 -29.01 -10.13 35.53
C ARG A 628 -30.45 -9.73 35.80
N SER A 629 -30.68 -8.89 36.82
CA SER A 629 -32.04 -8.41 37.10
C SER A 629 -31.97 -6.92 36.92
N THR A 630 -32.62 -6.36 35.92
CA THR A 630 -32.44 -4.93 35.57
C THR A 630 -33.08 -3.94 36.53
N SER A 631 -33.84 -4.39 37.53
CA SER A 631 -34.43 -3.40 38.44
C SER A 631 -33.51 -3.07 39.61
N GLN A 632 -32.59 -3.94 40.05
CA GLN A 632 -31.77 -3.45 41.15
C GLN A 632 -30.96 -2.26 40.64
N THR A 633 -31.22 -1.08 41.17
CA THR A 633 -30.59 0.16 40.71
C THR A 633 -29.57 0.68 41.73
N PHE A 634 -28.41 1.13 41.23
CA PHE A 634 -27.32 1.61 42.06
C PHE A 634 -26.94 3.06 41.72
N ILE A 635 -26.53 3.78 42.75
CA ILE A 635 -26.09 5.17 42.70
C ILE A 635 -24.70 5.27 43.28
N TYR A 636 -23.75 5.78 42.50
CA TYR A 636 -22.38 5.92 42.95
C TYR A 636 -22.00 7.39 42.93
N LYS A 637 -21.56 7.91 44.07
CA LYS A 637 -21.19 9.31 44.18
C LYS A 637 -19.68 9.40 44.23
N CYS A 638 -19.12 10.39 43.55
CA CYS A 638 -17.67 10.43 43.42
C CYS A 638 -17.18 11.81 43.00
N ASP A 639 -15.89 12.04 43.31
CA ASP A 639 -15.24 13.28 42.91
C ASP A 639 -15.02 13.38 41.39
N ALA A 640 -14.85 12.23 40.71
CA ALA A 640 -14.50 12.16 39.29
C ALA A 640 -14.90 10.81 38.71
N VAL A 641 -15.31 10.83 37.43
CA VAL A 641 -15.60 9.62 36.66
C VAL A 641 -14.54 9.47 35.56
N LEU A 642 -13.92 8.30 35.47
CA LEU A 642 -13.09 7.93 34.32
C LEU A 642 -13.90 7.03 33.40
N CYS A 643 -14.33 7.55 32.25
CA CYS A 643 -15.02 6.78 31.23
C CYS A 643 -14.03 5.99 30.37
N THR A 644 -14.07 4.65 30.40
CA THR A 644 -13.33 3.86 29.43
C THR A 644 -14.28 3.05 28.56
N LEU A 645 -15.44 3.61 28.30
CA LEU A 645 -16.41 2.96 27.46
C LEU A 645 -15.86 2.85 26.05
N PRO A 646 -15.98 1.70 25.41
CA PRO A 646 -15.60 1.57 24.01
C PRO A 646 -16.21 2.65 23.12
N LEU A 647 -15.47 3.02 22.08
CA LEU A 647 -16.01 3.99 21.13
C LEU A 647 -17.27 3.48 20.46
N GLY A 648 -17.39 2.16 20.29
CA GLY A 648 -18.62 1.63 19.73
C GLY A 648 -19.82 1.91 20.63
N VAL A 649 -19.60 1.87 21.94
CA VAL A 649 -20.67 2.12 22.90
C VAL A 649 -21.03 3.59 22.92
N LEU A 650 -20.01 4.47 22.99
CA LEU A 650 -20.22 5.91 22.95
C LEU A 650 -20.91 6.34 21.65
N LYS A 651 -20.89 5.49 20.63
CA LYS A 651 -21.46 5.84 19.33
C LYS A 651 -22.92 5.46 19.23
N GLN A 652 -23.37 4.59 20.14
CA GLN A 652 -24.65 3.89 20.04
C GLN A 652 -25.79 4.90 19.97
N GLN A 653 -26.69 4.70 19.01
CA GLN A 653 -27.89 5.52 18.85
C GLN A 653 -29.08 4.58 18.75
N PRO A 654 -29.99 4.57 19.75
CA PRO A 654 -30.06 5.52 20.87
C PRO A 654 -29.09 5.16 21.99
N PRO A 655 -28.70 6.16 22.78
CA PRO A 655 -27.59 5.98 23.74
C PRO A 655 -27.82 4.85 24.71
N ALA A 656 -26.80 4.01 24.89
CA ALA A 656 -26.81 3.05 26.00
C ALA A 656 -26.43 3.69 27.32
N VAL A 657 -25.79 4.87 27.27
CA VAL A 657 -25.36 5.61 28.45
C VAL A 657 -25.65 7.08 28.19
N GLN A 658 -26.37 7.71 29.10
CA GLN A 658 -26.75 9.10 28.96
C GLN A 658 -25.81 9.96 29.80
N PHE A 659 -25.39 11.09 29.24
CA PHE A 659 -24.56 12.01 29.98
C PHE A 659 -25.39 13.22 30.41
N VAL A 660 -25.29 13.57 31.69
CA VAL A 660 -26.05 14.69 32.23
C VAL A 660 -25.08 15.63 32.93
N PRO A 661 -24.79 16.80 32.34
CA PRO A 661 -25.35 17.30 31.08
C PRO A 661 -24.74 16.61 29.84
N PRO A 662 -25.37 16.74 28.67
CA PRO A 662 -24.84 16.07 27.49
C PRO A 662 -23.41 16.48 27.18
N LEU A 663 -22.70 15.58 26.52
CA LEU A 663 -21.35 15.87 26.06
C LEU A 663 -21.40 17.02 25.03
N PRO A 664 -20.44 17.94 25.06
CA PRO A 664 -20.44 19.04 24.09
C PRO A 664 -20.19 18.51 22.71
N GLU A 665 -20.58 19.29 21.72
CA GLU A 665 -20.55 18.72 20.38
C GLU A 665 -19.10 18.51 19.92
N TRP A 666 -18.15 19.30 20.44
CA TRP A 666 -16.78 19.05 20.05
C TRP A 666 -16.35 17.64 20.40
N LYS A 667 -16.97 17.02 21.38
CA LYS A 667 -16.68 15.63 21.71
C LYS A 667 -17.59 14.69 20.95
N THR A 668 -18.88 14.99 20.84
CA THR A 668 -19.78 14.06 20.13
C THR A 668 -19.46 14.04 18.64
N SER A 669 -19.01 15.17 18.07
CA SER A 669 -18.59 15.18 16.67
C SER A 669 -17.33 14.37 16.44
N ALA A 670 -16.40 14.40 17.39
CA ALA A 670 -15.28 13.49 17.31
C ALA A 670 -15.75 12.05 17.38
N VAL A 671 -16.80 11.77 18.16
CA VAL A 671 -17.29 10.40 18.26
C VAL A 671 -17.91 9.95 16.94
N GLN A 672 -18.68 10.83 16.28
CA GLN A 672 -19.23 10.44 14.98
C GLN A 672 -18.14 10.25 13.93
N ARG A 673 -17.18 11.17 13.85
CA ARG A 673 -16.16 11.13 12.80
C ARG A 673 -15.29 9.89 12.90
N MET A 674 -14.89 9.50 14.11
CA MET A 674 -13.98 8.38 14.23
C MET A 674 -14.62 7.11 13.70
N GLY A 675 -13.78 6.11 13.47
CA GLY A 675 -14.20 4.84 12.94
C GLY A 675 -14.11 3.82 14.00
N PHE A 676 -15.15 2.98 14.11
CA PHE A 676 -15.09 1.82 14.97
C PHE A 676 -15.38 0.64 14.08
N GLY A 677 -14.38 -0.21 13.90
CA GLY A 677 -14.44 -1.31 12.97
C GLY A 677 -14.71 -2.61 13.65
N ASN A 678 -14.41 -3.69 12.94
CA ASN A 678 -14.93 -5.00 13.30
C ASN A 678 -14.15 -6.09 12.54
N LEU A 679 -13.89 -7.17 13.24
CA LEU A 679 -13.23 -8.38 12.76
C LEU A 679 -13.57 -9.50 13.74
N ASN A 680 -13.69 -10.74 13.30
CA ASN A 680 -14.15 -11.83 14.16
C ASN A 680 -13.29 -13.08 14.00
N LYS A 681 -13.32 -13.96 15.00
CA LYS A 681 -12.53 -15.18 14.97
C LYS A 681 -13.42 -16.40 15.13
N VAL A 682 -13.09 -17.48 14.40
CA VAL A 682 -13.69 -18.80 14.60
C VAL A 682 -12.63 -19.70 15.22
N VAL A 683 -12.95 -20.33 16.34
CA VAL A 683 -11.97 -21.17 17.04
C VAL A 683 -12.34 -22.62 16.76
N LEU A 684 -11.41 -23.36 16.15
CA LEU A 684 -11.64 -24.74 15.74
C LEU A 684 -10.74 -25.66 16.57
N CYS A 685 -11.39 -26.57 17.30
CA CYS A 685 -10.74 -27.43 18.29
C CYS A 685 -10.85 -28.89 17.86
N PHE A 686 -9.72 -29.47 17.50
CA PHE A 686 -9.66 -30.84 17.01
C PHE A 686 -8.95 -31.71 18.03
N ASP A 687 -9.07 -33.03 17.84
CA ASP A 687 -8.31 -33.99 18.62
C ASP A 687 -6.93 -34.29 18.06
N ARG A 688 -6.63 -33.86 16.83
CA ARG A 688 -5.40 -34.28 16.18
C ARG A 688 -4.92 -33.21 15.21
N VAL A 689 -3.60 -33.06 15.12
CA VAL A 689 -2.97 -32.03 14.31
C VAL A 689 -2.86 -32.57 12.88
N PHE A 690 -3.59 -31.96 11.94
CA PHE A 690 -3.55 -32.40 10.54
C PHE A 690 -3.00 -31.32 9.61
N TRP A 691 -2.29 -30.34 10.14
CA TRP A 691 -1.75 -29.25 9.34
C TRP A 691 -0.24 -29.24 9.52
N ASP A 692 0.41 -28.39 8.77
CA ASP A 692 1.85 -28.32 8.91
C ASP A 692 2.19 -27.68 10.25
N PRO A 693 2.81 -28.40 11.19
CA PRO A 693 3.05 -27.81 12.51
C PRO A 693 4.11 -26.73 12.53
N SER A 694 4.84 -26.54 11.44
CA SER A 694 5.86 -25.49 11.41
C SER A 694 5.39 -24.26 10.66
N VAL A 695 4.21 -24.30 10.06
CA VAL A 695 3.56 -23.11 9.55
C VAL A 695 2.62 -22.62 10.64
N ASN A 696 2.82 -21.38 11.10
CA ASN A 696 1.94 -20.83 12.11
C ASN A 696 0.62 -20.37 11.51
N LEU A 697 0.67 -19.87 10.27
CA LEU A 697 -0.46 -19.19 9.65
C LEU A 697 -0.46 -19.40 8.15
N PHE A 698 -1.64 -19.62 7.59
CA PHE A 698 -1.76 -19.88 6.15
C PHE A 698 -3.10 -19.36 5.64
N GLY A 699 -3.09 -18.85 4.41
CA GLY A 699 -4.22 -18.12 3.88
C GLY A 699 -5.12 -18.96 2.98
N HIS A 700 -6.33 -18.45 2.76
CA HIS A 700 -7.27 -19.00 1.79
C HIS A 700 -7.73 -17.86 0.90
N VAL A 701 -7.58 -18.02 -0.41
CA VAL A 701 -7.91 -16.95 -1.35
C VAL A 701 -9.37 -17.05 -1.72
N GLY A 702 -10.04 -15.91 -1.73
CA GLY A 702 -11.48 -15.90 -1.87
C GLY A 702 -11.95 -16.06 -3.30
N SER A 703 -13.25 -16.37 -3.40
CA SER A 703 -13.93 -16.46 -4.69
C SER A 703 -13.97 -15.11 -5.40
N THR A 704 -14.40 -14.09 -4.67
CA THR A 704 -14.85 -12.83 -5.22
C THR A 704 -14.16 -11.72 -4.47
N THR A 705 -14.11 -10.53 -5.07
CA THR A 705 -13.74 -9.33 -4.31
C THR A 705 -14.62 -9.20 -3.07
N ALA A 706 -15.92 -9.30 -3.27
CA ALA A 706 -16.86 -9.07 -2.17
C ALA A 706 -16.62 -10.03 -1.02
N SER A 707 -16.07 -11.21 -1.27
CA SER A 707 -15.95 -12.14 -0.14
C SER A 707 -14.50 -12.42 0.18
N ARG A 708 -13.62 -11.45 -0.04
CA ARG A 708 -12.20 -11.72 0.21
C ARG A 708 -11.96 -12.03 1.69
N GLY A 709 -12.64 -11.34 2.58
CA GLY A 709 -12.42 -11.56 4.02
C GLY A 709 -13.05 -12.80 4.59
N GLU A 710 -13.93 -13.46 3.86
CA GLU A 710 -14.61 -14.59 4.52
C GLU A 710 -13.62 -15.71 4.77
N LEU A 711 -13.25 -15.89 6.03
CA LEU A 711 -12.33 -16.96 6.46
C LEU A 711 -11.08 -16.97 5.59
N PHE A 712 -10.44 -15.84 5.42
CA PHE A 712 -9.29 -15.76 4.50
C PHE A 712 -7.98 -16.08 5.21
N LEU A 713 -7.98 -16.50 6.46
CA LEU A 713 -6.69 -16.78 7.11
C LEU A 713 -6.89 -17.74 8.28
N PHE A 714 -5.82 -18.46 8.65
CA PHE A 714 -5.92 -19.50 9.67
C PHE A 714 -4.66 -19.49 10.55
N TRP A 715 -4.82 -19.69 11.87
CA TRP A 715 -3.70 -19.62 12.82
C TRP A 715 -3.52 -20.94 13.57
N ASN A 716 -2.28 -21.42 13.58
CA ASN A 716 -1.81 -22.52 14.42
C ASN A 716 -0.80 -21.89 15.36
N LEU A 717 -1.28 -21.34 16.48
CA LEU A 717 -0.38 -20.68 17.42
C LEU A 717 -0.33 -21.38 18.76
N TYR A 718 -1.24 -22.31 19.01
CA TYR A 718 -1.39 -22.85 20.34
C TYR A 718 -0.78 -24.25 20.41
N LYS A 719 -0.40 -24.60 21.65
CA LYS A 719 0.12 -25.93 21.97
C LYS A 719 -0.83 -27.01 21.47
N ALA A 720 -2.06 -27.02 22.02
CA ALA A 720 -3.14 -27.93 21.66
C ALA A 720 -3.49 -27.85 20.17
N PRO A 721 -4.25 -28.80 19.67
CA PRO A 721 -4.69 -28.75 18.26
C PRO A 721 -5.82 -27.75 18.02
N ILE A 722 -5.43 -26.49 17.92
CA ILE A 722 -6.38 -25.41 17.67
C ILE A 722 -5.97 -24.70 16.40
N LEU A 723 -6.97 -24.52 15.55
CA LEU A 723 -6.80 -23.73 14.32
C LEU A 723 -7.85 -22.64 14.40
N LEU A 724 -7.44 -21.39 14.19
CA LEU A 724 -8.35 -20.24 14.29
C LEU A 724 -8.56 -19.67 12.90
N ALA A 725 -9.80 -19.42 12.52
CA ALA A 725 -10.10 -18.86 11.20
C ALA A 725 -10.57 -17.44 11.41
N LEU A 726 -10.21 -16.50 10.55
CA LEU A 726 -10.57 -15.10 10.81
C LEU A 726 -11.47 -14.54 9.72
N VAL A 727 -12.34 -13.61 10.11
CA VAL A 727 -13.28 -12.97 9.15
C VAL A 727 -12.95 -11.49 9.15
N ALA A 728 -12.69 -10.93 7.99
CA ALA A 728 -12.26 -9.53 7.92
C ALA A 728 -13.13 -8.74 6.94
N GLY A 729 -12.84 -7.45 6.82
CA GLY A 729 -13.41 -6.65 5.75
C GLY A 729 -14.93 -6.59 5.82
N GLU A 730 -15.56 -6.47 4.65
CA GLU A 730 -17.02 -6.44 4.59
C GLU A 730 -17.64 -7.76 5.01
N ALA A 731 -16.87 -8.85 4.95
CA ALA A 731 -17.41 -10.15 5.34
C ALA A 731 -17.77 -10.18 6.83
N ALA A 732 -17.01 -9.49 7.67
CA ALA A 732 -17.19 -9.61 9.12
C ALA A 732 -18.61 -9.27 9.54
N GLY A 733 -19.09 -8.09 9.14
CA GLY A 733 -20.42 -7.65 9.52
C GLY A 733 -21.54 -8.54 9.03
N ILE A 734 -21.28 -9.36 8.00
CA ILE A 734 -22.29 -10.24 7.41
C ILE A 734 -22.25 -11.63 8.01
N MET A 735 -21.06 -12.16 8.28
CA MET A 735 -20.93 -13.43 8.97
C MET A 735 -21.58 -13.43 10.36
N GLU A 736 -21.96 -12.27 10.88
CA GLU A 736 -22.58 -12.28 12.20
C GLU A 736 -24.04 -12.70 12.16
N ASN A 737 -24.69 -12.60 11.00
CA ASN A 737 -26.04 -13.09 10.75
C ASN A 737 -26.08 -14.54 10.24
N ILE A 738 -25.07 -15.33 10.50
CA ILE A 738 -25.01 -16.71 10.05
C ILE A 738 -24.64 -17.57 11.25
N SER A 739 -25.31 -18.71 11.39
CA SER A 739 -25.14 -19.53 12.59
C SER A 739 -23.75 -20.11 12.67
N ASP A 740 -23.38 -20.54 13.88
CA ASP A 740 -22.07 -21.14 14.07
C ASP A 740 -21.87 -22.37 13.19
N ASP A 741 -22.88 -23.24 13.13
CA ASP A 741 -22.76 -24.49 12.39
C ASP A 741 -22.45 -24.22 10.91
N VAL A 742 -23.20 -23.31 10.29
CA VAL A 742 -22.91 -22.92 8.92
C VAL A 742 -21.50 -22.35 8.78
N ILE A 743 -21.08 -21.52 9.75
CA ILE A 743 -19.74 -20.93 9.69
C ILE A 743 -18.68 -22.00 9.87
N VAL A 744 -18.89 -22.94 10.80
CA VAL A 744 -17.90 -23.99 10.96
C VAL A 744 -17.93 -24.91 9.73
N GLY A 745 -19.11 -24.96 9.12
CA GLY A 745 -19.25 -25.77 7.90
C GLY A 745 -18.31 -25.23 6.84
N ARG A 746 -18.40 -23.94 6.59
CA ARG A 746 -17.55 -23.34 5.54
C ARG A 746 -16.08 -23.53 5.90
N CYS A 747 -15.69 -23.40 7.15
CA CYS A 747 -14.27 -23.58 7.50
C CYS A 747 -13.84 -25.01 7.17
N LEU A 748 -14.69 -25.97 7.49
CA LEU A 748 -14.32 -27.37 7.22
C LEU A 748 -14.14 -27.56 5.73
N ALA A 749 -15.04 -27.01 4.93
CA ALA A 749 -14.92 -27.19 3.48
C ALA A 749 -13.60 -26.61 3.02
N ILE A 750 -13.28 -25.40 3.47
CA ILE A 750 -12.03 -24.75 2.99
C ILE A 750 -10.85 -25.61 3.43
N LEU A 751 -10.87 -26.07 4.66
CA LEU A 751 -9.76 -26.90 5.16
C LEU A 751 -9.68 -28.19 4.35
N LYS A 752 -10.82 -28.79 4.03
CA LYS A 752 -10.81 -30.06 3.28
C LYS A 752 -10.01 -29.87 1.99
N GLY A 753 -10.38 -28.87 1.21
CA GLY A 753 -9.67 -28.60 -0.03
C GLY A 753 -8.17 -28.52 0.16
N ILE A 754 -7.71 -28.00 1.30
CA ILE A 754 -6.27 -27.87 1.52
C ILE A 754 -5.64 -29.22 1.79
N PHE A 755 -6.21 -29.97 2.74
CA PHE A 755 -5.52 -31.08 3.34
C PHE A 755 -6.11 -32.42 2.95
N GLY A 756 -7.19 -32.41 2.19
CA GLY A 756 -7.81 -33.64 1.77
C GLY A 756 -9.06 -33.94 2.55
N SER A 757 -10.13 -34.26 1.83
CA SER A 757 -11.47 -34.46 2.38
C SER A 757 -11.53 -35.48 3.52
N SER A 758 -10.47 -36.24 3.73
CA SER A 758 -10.46 -37.27 4.76
C SER A 758 -9.59 -36.93 5.96
N ALA A 759 -8.58 -36.08 5.81
CA ALA A 759 -7.70 -35.69 6.92
C ALA A 759 -8.32 -34.66 7.88
N VAL A 760 -9.51 -34.15 7.58
CA VAL A 760 -10.18 -33.12 8.40
C VAL A 760 -11.28 -33.76 9.24
N PRO A 761 -11.04 -33.96 10.55
CA PRO A 761 -12.05 -34.55 11.44
C PRO A 761 -13.21 -33.61 11.69
N GLN A 762 -14.17 -34.02 12.51
CA GLN A 762 -15.00 -32.92 12.95
C GLN A 762 -14.38 -32.23 14.16
N PRO A 763 -14.66 -30.95 14.36
CA PRO A 763 -14.15 -30.26 15.55
C PRO A 763 -14.94 -30.63 16.80
N LYS A 764 -14.21 -30.81 17.90
CA LYS A 764 -14.85 -31.17 19.16
C LYS A 764 -15.53 -29.97 19.81
N GLU A 765 -14.89 -28.79 19.75
CA GLU A 765 -15.40 -27.55 20.32
C GLU A 765 -15.26 -26.41 19.33
N THR A 766 -16.36 -25.69 19.08
CA THR A 766 -16.40 -24.54 18.20
C THR A 766 -16.95 -23.31 18.93
N VAL A 767 -16.33 -22.16 18.65
CA VAL A 767 -16.72 -20.85 19.18
C VAL A 767 -16.57 -19.82 18.07
N VAL A 768 -17.61 -19.02 17.85
CA VAL A 768 -17.57 -17.94 16.85
C VAL A 768 -17.87 -16.61 17.53
N SER A 769 -16.92 -15.68 17.47
CA SER A 769 -17.13 -14.35 18.02
C SER A 769 -18.07 -13.54 17.14
N ARG A 770 -18.79 -12.60 17.77
CA ARG A 770 -19.66 -11.67 17.04
C ARG A 770 -19.54 -10.31 17.77
N TRP A 771 -18.43 -9.59 17.47
CA TRP A 771 -18.04 -8.42 18.25
C TRP A 771 -18.89 -7.19 17.96
N ARG A 772 -19.35 -7.00 16.72
CA ARG A 772 -20.27 -5.90 16.49
C ARG A 772 -21.58 -6.11 17.23
N ALA A 773 -21.94 -7.36 17.49
CA ALA A 773 -23.19 -7.65 18.17
C ALA A 773 -23.08 -7.41 19.66
N ASP A 774 -21.91 -7.68 20.22
CA ASP A 774 -21.63 -7.50 21.64
C ASP A 774 -22.06 -6.11 22.10
N PRO A 775 -23.07 -6.00 22.97
CA PRO A 775 -23.52 -4.67 23.40
C PRO A 775 -22.52 -3.89 24.29
N TRP A 776 -21.53 -4.58 24.83
CA TRP A 776 -20.53 -3.90 25.67
C TRP A 776 -19.31 -3.57 24.83
N ALA A 777 -19.39 -3.78 23.53
CA ALA A 777 -18.25 -3.43 22.67
C ALA A 777 -18.77 -2.70 21.45
N ARG A 778 -19.75 -3.29 20.78
CA ARG A 778 -20.39 -2.76 19.56
C ARG A 778 -19.35 -2.56 18.47
N GLY A 779 -18.42 -3.50 18.36
CA GLY A 779 -17.32 -3.37 17.41
C GLY A 779 -16.07 -4.01 17.97
N SER A 780 -14.95 -3.84 17.29
CA SER A 780 -13.72 -4.48 17.73
C SER A 780 -12.61 -3.51 18.09
N TYR A 781 -12.30 -2.51 17.25
CA TYR A 781 -11.43 -1.43 17.67
C TYR A 781 -11.49 -0.29 16.65
N SER A 782 -10.83 0.81 16.99
CA SER A 782 -10.97 2.03 16.21
C SER A 782 -10.05 2.04 14.98
N TYR A 783 -10.45 2.81 13.98
CA TYR A 783 -9.72 2.99 12.76
C TYR A 783 -9.84 4.46 12.40
N VAL A 784 -8.93 4.93 11.56
CA VAL A 784 -8.92 6.34 11.21
C VAL A 784 -9.82 6.47 9.99
N ALA A 785 -11.08 6.82 10.24
CA ALA A 785 -12.04 6.92 9.16
C ALA A 785 -11.69 8.06 8.22
N ALA A 786 -12.10 7.91 6.97
CA ALA A 786 -12.05 9.04 6.06
C ALA A 786 -12.87 10.18 6.62
N GLY A 787 -12.29 11.38 6.63
CA GLY A 787 -12.91 12.53 7.23
C GLY A 787 -12.49 12.77 8.65
N SER A 788 -11.84 11.80 9.28
CA SER A 788 -11.26 11.93 10.60
C SER A 788 -9.76 12.14 10.45
N SER A 789 -9.06 12.18 11.58
CA SER A 789 -7.63 12.35 11.61
C SER A 789 -7.15 11.96 13.00
N GLY A 790 -5.86 12.12 13.24
CA GLY A 790 -5.37 11.81 14.57
C GLY A 790 -5.71 12.85 15.61
N ASN A 791 -6.04 14.08 15.18
CA ASN A 791 -6.52 15.08 16.13
C ASN A 791 -7.76 14.58 16.90
N ASP A 792 -8.63 13.83 16.24
CA ASP A 792 -9.84 13.32 16.89
C ASP A 792 -9.48 12.45 18.07
N TYR A 793 -8.41 11.68 17.97
CA TYR A 793 -8.07 10.82 19.08
C TYR A 793 -7.66 11.62 20.30
N ASP A 794 -7.28 12.88 20.11
CA ASP A 794 -6.90 13.77 21.21
C ASP A 794 -8.10 14.47 21.80
N LEU A 795 -8.95 15.03 20.94
CA LEU A 795 -10.31 15.37 21.32
C LEU A 795 -10.93 14.33 22.24
N MET A 796 -10.90 13.04 21.84
CA MET A 796 -11.47 12.04 22.74
C MET A 796 -10.83 12.06 24.10
N ALA A 797 -9.56 12.39 24.19
CA ALA A 797 -8.94 12.30 25.51
C ALA A 797 -9.13 13.56 26.35
N GLN A 798 -9.70 14.66 25.82
CA GLN A 798 -9.87 15.88 26.63
C GLN A 798 -10.89 15.62 27.73
N PRO A 799 -10.59 15.93 28.99
CA PRO A 799 -11.60 15.81 30.05
C PRO A 799 -12.69 16.86 29.87
N ILE A 800 -13.90 16.55 30.42
CA ILE A 800 -15.01 17.51 30.43
C ILE A 800 -15.10 18.26 31.76
N THR A 801 -15.26 19.58 31.69
CA THR A 801 -15.37 20.42 32.89
C THR A 801 -16.76 21.05 32.97
N PRO A 802 -17.57 20.65 33.97
CA PRO A 802 -18.95 21.13 34.06
C PRO A 802 -19.04 22.63 34.32
N GLY A 803 -20.19 23.20 33.99
CA GLY A 803 -20.44 24.60 34.27
C GLY A 803 -20.57 24.86 35.77
N PRO A 804 -20.53 26.12 36.18
CA PRO A 804 -20.74 26.41 37.61
C PRO A 804 -22.20 26.14 37.99
N SER A 805 -22.40 25.65 39.22
CA SER A 805 -23.76 25.44 39.71
C SER A 805 -24.39 26.77 40.10
N ILE A 806 -23.79 27.47 41.06
CA ILE A 806 -24.15 28.87 41.34
C ILE A 806 -23.66 29.74 40.19
N PRO A 807 -24.50 30.56 39.57
CA PRO A 807 -24.00 31.40 38.47
C PRO A 807 -23.05 32.48 38.97
N GLY A 808 -21.99 32.72 38.18
CA GLY A 808 -20.93 33.63 38.58
C GLY A 808 -20.01 33.10 39.66
N ALA A 809 -20.12 31.84 40.02
CA ALA A 809 -19.14 31.20 40.86
C ALA A 809 -17.93 30.83 40.00
N PRO A 810 -16.76 30.65 40.61
CA PRO A 810 -15.55 30.46 39.81
C PRO A 810 -15.59 29.16 39.03
N GLN A 811 -14.79 29.14 37.98
CA GLN A 811 -14.66 28.01 37.03
C GLN A 811 -14.30 26.74 37.79
N PRO A 812 -15.08 25.67 37.63
CA PRO A 812 -14.81 24.44 38.31
C PRO A 812 -13.65 23.62 37.72
N ILE A 813 -13.32 22.59 38.46
CA ILE A 813 -12.31 21.55 38.15
C ILE A 813 -12.93 20.60 37.12
N PRO A 814 -12.15 19.85 36.35
CA PRO A 814 -12.72 18.91 35.42
C PRO A 814 -13.22 17.73 36.24
N ARG A 815 -14.29 17.10 35.78
CA ARG A 815 -14.93 15.99 36.48
C ARG A 815 -15.02 14.70 35.69
N LEU A 816 -15.16 14.76 34.35
CA LEU A 816 -15.36 13.59 33.49
C LEU A 816 -14.12 13.39 32.60
N PHE A 817 -13.42 12.26 32.81
CA PHE A 817 -12.16 11.89 32.18
C PHE A 817 -12.34 10.69 31.27
N PHE A 818 -11.52 10.59 30.23
CA PHE A 818 -11.72 9.47 29.28
C PHE A 818 -10.44 8.72 28.98
N ALA A 819 -10.58 7.41 28.80
CA ALA A 819 -9.45 6.53 28.47
C ALA A 819 -9.93 5.38 27.61
N GLY A 820 -9.02 4.66 26.98
CA GLY A 820 -9.41 3.55 26.10
C GLY A 820 -8.56 3.48 24.86
N GLU A 821 -8.71 2.49 24.01
CA GLU A 821 -7.80 2.44 22.84
C GLU A 821 -8.13 3.60 21.93
N HIS A 822 -9.30 4.18 22.03
CA HIS A 822 -9.62 5.24 21.07
C HIS A 822 -9.22 6.58 21.64
N THR A 823 -8.37 6.60 22.65
CA THR A 823 -8.05 7.91 23.24
C THR A 823 -6.56 8.22 23.11
N ILE A 824 -5.78 7.30 22.59
CA ILE A 824 -4.32 7.54 22.48
C ILE A 824 -3.93 7.64 21.02
N ARG A 825 -3.59 8.84 20.58
CA ARG A 825 -3.31 9.11 19.15
C ARG A 825 -2.16 8.30 18.58
N ASN A 826 -1.07 8.09 19.29
CA ASN A 826 0.03 7.35 18.69
C ASN A 826 -0.06 5.84 18.86
N TYR A 827 -0.99 5.32 19.66
CA TYR A 827 -1.05 3.86 19.75
C TYR A 827 -2.50 3.35 19.81
N PRO A 828 -3.37 3.79 18.89
CA PRO A 828 -4.76 3.35 18.94
C PRO A 828 -4.88 1.86 18.71
N ALA A 829 -6.05 1.35 19.06
CA ALA A 829 -6.51 0.03 18.67
C ALA A 829 -5.60 -1.09 19.14
N THR A 830 -4.90 -0.92 20.25
CA THR A 830 -4.02 -1.96 20.75
C THR A 830 -4.24 -2.13 22.25
N VAL A 831 -3.72 -3.21 22.81
CA VAL A 831 -3.72 -3.33 24.27
C VAL A 831 -2.74 -2.34 24.88
N HIS A 832 -1.52 -2.29 24.35
CA HIS A 832 -0.55 -1.36 24.93
C HIS A 832 -1.08 0.06 24.89
N GLY A 833 -1.82 0.41 23.85
CA GLY A 833 -2.35 1.76 23.75
C GLY A 833 -3.42 2.03 24.80
N ALA A 834 -4.28 1.04 25.06
CA ALA A 834 -5.27 1.21 26.14
C ALA A 834 -4.57 1.41 27.46
N LEU A 835 -3.71 0.46 27.82
CA LEU A 835 -2.92 0.56 29.04
C LEU A 835 -2.23 1.91 29.17
N LEU A 836 -1.57 2.37 28.12
CA LEU A 836 -0.93 3.68 28.22
C LEU A 836 -1.95 4.76 28.54
N SER A 837 -3.16 4.65 27.99
CA SER A 837 -4.12 5.74 28.20
C SER A 837 -4.62 5.71 29.65
N GLY A 838 -4.74 4.53 30.18
CA GLY A 838 -5.14 4.42 31.58
C GLY A 838 -4.09 5.06 32.44
N LEU A 839 -2.82 4.80 32.17
CA LEU A 839 -1.76 5.40 32.97
C LEU A 839 -1.85 6.92 32.84
N ARG A 840 -2.06 7.40 31.60
CA ARG A 840 -2.15 8.84 31.29
C ARG A 840 -3.20 9.53 32.17
N GLU A 841 -4.41 8.98 32.21
CA GLU A 841 -5.48 9.61 33.01
C GLU A 841 -5.17 9.52 34.49
N ALA A 842 -4.77 8.37 34.98
CA ALA A 842 -4.42 8.25 36.39
C ALA A 842 -3.43 9.34 36.81
N GLY A 843 -2.47 9.64 35.97
CA GLY A 843 -1.58 10.75 36.30
C GLY A 843 -2.31 12.08 36.28
N ARG A 844 -3.26 12.24 35.36
CA ARG A 844 -3.91 13.54 35.23
C ARG A 844 -4.89 13.77 36.37
N ILE A 845 -5.69 12.76 36.66
CA ILE A 845 -6.64 12.82 37.76
C ILE A 845 -5.90 13.08 39.06
N ALA A 846 -4.84 12.33 39.32
CA ALA A 846 -4.10 12.51 40.56
C ALA A 846 -3.50 13.91 40.64
N ASP A 847 -2.99 14.45 39.54
CA ASP A 847 -2.48 15.82 39.55
C ASP A 847 -3.55 16.79 39.99
N GLN A 848 -4.77 16.57 39.51
CA GLN A 848 -5.89 17.45 39.82
C GLN A 848 -6.22 17.40 41.31
N PHE A 849 -6.53 16.19 41.77
CA PHE A 849 -7.05 16.02 43.14
C PHE A 849 -5.97 15.85 44.20
N LEU A 850 -4.91 15.13 43.93
CA LEU A 850 -3.90 15.01 44.99
C LEU A 850 -2.97 16.20 44.90
N GLY A 851 -2.90 16.83 43.75
CA GLY A 851 -2.03 17.99 43.55
C GLY A 851 -0.65 17.60 43.07
N ALA A 852 -0.02 18.43 42.27
CA ALA A 852 1.31 18.05 41.80
C ALA A 852 2.31 18.86 42.58
N MET A 853 3.17 18.24 43.36
CA MET A 853 4.11 19.10 44.10
C MET A 853 5.45 19.07 43.38
N TYR A 854 5.55 18.27 42.32
CA TYR A 854 6.80 18.18 41.56
C TYR A 854 6.95 19.27 40.50
N THR A 855 5.93 20.10 40.27
CA THR A 855 5.98 21.15 39.28
C THR A 855 6.82 22.36 39.72
N LEU A 856 7.16 22.47 41.01
CA LEU A 856 7.87 23.63 41.59
C LEU A 856 9.41 23.60 41.45
N ARG B 4 8.96 12.04 -4.21
CA ARG B 4 9.04 13.01 -5.30
C ARG B 4 8.61 12.38 -6.63
N LYS B 5 8.79 11.07 -6.76
CA LYS B 5 8.39 10.35 -7.96
C LYS B 5 7.70 9.05 -7.56
N PRO B 6 6.73 8.59 -8.35
CA PRO B 6 5.99 7.36 -8.01
C PRO B 6 6.94 6.15 -7.98
N PRO B 7 6.53 5.06 -7.34
CA PRO B 7 7.35 3.84 -7.46
C PRO B 7 7.44 3.48 -8.92
N LYS B 8 8.59 2.95 -9.32
CA LYS B 8 8.88 2.76 -10.73
C LYS B 8 7.95 1.70 -11.33
N GLY B 9 7.45 1.96 -12.55
CA GLY B 9 6.43 1.11 -13.16
C GLY B 9 5.02 1.66 -13.05
N MET B 10 4.68 2.17 -11.87
CA MET B 10 3.42 2.87 -11.66
C MET B 10 3.35 4.13 -12.51
N PHE B 11 2.19 4.41 -13.08
CA PHE B 11 2.03 5.60 -13.92
C PHE B 11 0.93 6.48 -13.34
N LEU B 12 1.31 7.60 -12.75
CA LEU B 12 0.39 8.46 -12.02
C LEU B 12 0.74 9.91 -12.39
N SER B 13 0.12 10.40 -13.45
CA SER B 13 0.26 11.80 -13.79
C SER B 13 -0.95 12.55 -13.28
N GLN B 14 -0.72 13.79 -12.83
CA GLN B 14 -1.82 14.62 -12.39
C GLN B 14 -2.87 14.78 -13.50
N GLU B 15 -2.46 14.61 -14.76
CA GLU B 15 -3.41 14.70 -15.86
C GLU B 15 -4.35 13.50 -15.90
N ASP B 16 -3.82 12.29 -15.70
CA ASP B 16 -4.63 11.09 -15.87
C ASP B 16 -5.66 10.95 -14.75
N VAL B 17 -5.25 11.28 -13.52
CA VAL B 17 -6.11 11.04 -12.36
C VAL B 17 -7.43 11.80 -12.51
N GLU B 18 -7.34 13.10 -12.83
CA GLU B 18 -8.57 13.86 -12.90
C GLU B 18 -9.43 13.48 -14.11
N ALA B 19 -8.90 12.63 -14.98
CA ALA B 19 -9.67 12.08 -16.10
C ALA B 19 -10.37 10.77 -15.76
N VAL B 20 -9.90 10.03 -14.77
CA VAL B 20 -10.59 8.83 -14.31
C VAL B 20 -11.47 9.12 -13.10
N SER B 21 -11.54 10.39 -12.69
CA SER B 21 -12.35 10.81 -11.57
C SER B 21 -13.39 11.87 -11.95
N ALA B 22 -13.49 12.23 -13.24
CA ALA B 22 -14.44 13.26 -13.65
C ALA B 22 -15.88 12.87 -13.35
N ASN B 23 -16.23 11.60 -13.50
CA ASN B 23 -17.56 11.18 -13.07
C ASN B 23 -17.44 9.78 -12.46
N ALA B 24 -18.59 9.13 -12.25
CA ALA B 24 -18.58 7.77 -11.69
C ALA B 24 -17.95 6.80 -12.67
N THR B 25 -18.46 6.74 -13.91
CA THR B 25 -17.99 5.83 -14.93
C THR B 25 -16.86 6.39 -15.79
N ALA B 26 -16.35 7.59 -15.49
CA ALA B 26 -15.29 8.19 -16.30
C ALA B 26 -14.04 7.33 -16.35
N ALA B 27 -13.92 6.36 -15.44
CA ALA B 27 -12.84 5.40 -15.55
C ALA B 27 -13.12 4.42 -16.67
N THR B 28 -14.23 3.68 -16.58
CA THR B 28 -14.52 2.65 -17.59
C THR B 28 -14.79 3.25 -18.96
N THR B 29 -15.25 4.51 -19.02
CA THR B 29 -15.27 5.24 -20.28
C THR B 29 -13.88 5.33 -20.91
N VAL B 30 -12.93 5.95 -20.22
CA VAL B 30 -11.58 6.10 -20.74
C VAL B 30 -11.01 4.75 -21.17
N LEU B 31 -11.21 3.72 -20.36
CA LEU B 31 -10.66 2.40 -20.66
C LEU B 31 -11.37 1.72 -21.83
N ARG B 32 -12.62 2.11 -22.13
CA ARG B 32 -13.26 1.50 -23.28
C ARG B 32 -12.91 2.16 -24.61
N GLN B 33 -12.56 3.44 -24.58
CA GLN B 33 -12.16 4.08 -25.84
C GLN B 33 -10.85 3.40 -26.25
N LEU B 34 -9.97 3.20 -25.28
CA LEU B 34 -8.67 2.58 -25.63
C LEU B 34 -8.91 1.16 -26.13
N ASP B 35 -9.83 0.42 -25.51
CA ASP B 35 -10.06 -0.95 -26.01
C ASP B 35 -10.55 -0.86 -27.43
N MET B 36 -11.50 0.03 -27.71
CA MET B 36 -11.96 0.13 -29.10
C MET B 36 -10.81 0.61 -29.97
N GLU B 37 -10.03 1.58 -29.51
CA GLU B 37 -8.92 2.10 -30.34
C GLU B 37 -7.93 0.98 -30.63
N LEU B 38 -7.62 0.15 -29.65
CA LEU B 38 -6.67 -0.93 -29.96
C LEU B 38 -7.30 -1.85 -31.00
N VAL B 39 -8.58 -2.17 -30.89
CA VAL B 39 -9.18 -3.07 -31.90
C VAL B 39 -9.12 -2.40 -33.27
N SER B 40 -9.38 -1.10 -33.34
CA SER B 40 -9.36 -0.45 -34.67
C SER B 40 -7.97 -0.59 -35.25
N VAL B 41 -6.92 -0.35 -34.48
CA VAL B 41 -5.57 -0.48 -35.06
C VAL B 41 -5.31 -1.92 -35.47
N LYS B 42 -5.76 -2.88 -34.68
CA LYS B 42 -5.45 -4.27 -35.04
C LYS B 42 -6.05 -4.59 -36.40
N ARG B 43 -7.27 -4.20 -36.68
CA ARG B 43 -7.81 -4.55 -38.01
C ARG B 43 -7.02 -3.82 -39.08
N GLN B 44 -6.83 -2.52 -38.93
CA GLN B 44 -6.05 -1.78 -39.92
C GLN B 44 -4.69 -2.44 -40.13
N ILE B 45 -4.15 -3.08 -39.10
CA ILE B 45 -2.93 -3.89 -39.25
C ILE B 45 -3.17 -5.00 -40.26
N GLN B 46 -4.19 -5.83 -40.03
CA GLN B 46 -4.35 -7.00 -40.87
C GLN B 46 -4.81 -6.62 -42.27
N ASN B 47 -5.43 -5.45 -42.42
CA ASN B 47 -5.81 -4.93 -43.73
C ASN B 47 -4.58 -4.65 -44.58
N ILE B 48 -3.62 -3.87 -44.07
CA ILE B 48 -2.37 -3.61 -44.78
C ILE B 48 -1.47 -4.83 -44.81
N LYS B 49 -1.65 -5.77 -43.89
CA LYS B 49 -0.91 -7.02 -43.99
C LYS B 49 -1.34 -7.81 -45.22
N GLN B 50 -2.63 -7.74 -45.57
CA GLN B 50 -3.14 -8.44 -46.75
C GLN B 50 -2.92 -7.64 -48.04
N THR B 51 -3.03 -6.31 -47.97
CA THR B 51 -2.58 -5.48 -49.08
C THR B 51 -1.13 -5.76 -49.46
N ASN B 52 -0.24 -5.83 -48.46
CA ASN B 52 1.15 -6.08 -48.81
C ASN B 52 1.42 -7.55 -49.14
N SER B 53 0.53 -8.46 -48.74
CA SER B 53 0.69 -9.84 -49.20
C SER B 53 0.37 -9.96 -50.69
N ALA B 54 -0.60 -9.17 -51.18
CA ALA B 54 -0.93 -9.19 -52.59
C ALA B 54 0.18 -8.56 -53.43
N LEU B 55 0.66 -7.40 -53.00
CA LEU B 55 1.77 -6.72 -53.71
C LEU B 55 2.96 -7.67 -53.73
N LYS B 56 3.14 -8.45 -52.68
CA LYS B 56 4.31 -9.34 -52.69
C LYS B 56 4.12 -10.33 -53.82
N GLU B 57 2.93 -10.91 -53.92
CA GLU B 57 2.67 -11.93 -54.96
C GLU B 57 2.94 -11.33 -56.34
N LYS B 58 2.47 -10.12 -56.56
CA LYS B 58 2.63 -9.47 -57.87
C LYS B 58 4.11 -9.43 -58.28
N LEU B 59 5.03 -9.19 -57.35
CA LEU B 59 6.40 -9.16 -57.86
C LEU B 59 7.14 -10.43 -57.52
N ASP B 60 6.46 -11.56 -57.59
CA ASP B 60 7.18 -12.82 -57.30
C ASP B 60 8.14 -13.08 -58.46
N GLY B 61 9.39 -13.41 -58.16
CA GLY B 61 10.35 -13.76 -59.23
C GLY B 61 11.34 -12.64 -59.37
N GLY B 62 11.08 -11.54 -58.70
CA GLY B 62 11.99 -10.40 -58.79
C GLY B 62 12.20 -9.95 -60.22
N ILE B 63 13.44 -9.64 -60.56
CA ILE B 63 13.77 -9.18 -61.93
C ILE B 63 14.89 -10.06 -62.47
N GLU B 64 14.91 -11.32 -62.07
CA GLU B 64 16.00 -12.19 -62.53
C GLU B 64 15.96 -12.35 -64.05
N PRO B 65 14.79 -12.54 -64.67
CA PRO B 65 14.72 -12.70 -66.10
C PRO B 65 15.12 -11.47 -66.93
N TYR B 66 15.08 -10.28 -66.36
CA TYR B 66 15.35 -9.05 -67.10
C TYR B 66 16.74 -8.50 -66.84
N ARG B 67 17.65 -9.26 -66.25
CA ARG B 67 18.98 -8.66 -65.98
C ARG B 67 19.94 -8.94 -67.14
N LEU B 68 20.80 -7.98 -67.47
CA LEU B 68 21.79 -8.20 -68.49
C LEU B 68 23.11 -8.54 -67.84
N PRO B 69 23.85 -9.50 -68.40
CA PRO B 69 25.22 -9.74 -67.93
C PRO B 69 26.08 -8.47 -67.98
N GLU B 70 27.25 -8.52 -67.34
CA GLU B 70 28.08 -7.36 -67.12
C GLU B 70 29.17 -7.23 -68.19
N VAL B 71 29.27 -6.07 -68.81
CA VAL B 71 30.38 -5.90 -69.77
C VAL B 71 31.52 -5.26 -68.98
N ILE B 72 32.62 -5.99 -68.79
CA ILE B 72 33.77 -5.39 -68.05
C ILE B 72 34.75 -4.92 -69.13
N GLN B 73 34.92 -3.61 -69.27
CA GLN B 73 35.78 -3.07 -70.35
C GLN B 73 36.83 -2.13 -69.77
N LYS B 74 38.01 -2.08 -70.39
CA LYS B 74 39.12 -1.25 -69.89
C LYS B 74 39.02 0.16 -70.48
N CYS B 75 38.93 1.17 -69.62
CA CYS B 75 38.81 2.57 -70.10
C CYS B 75 39.97 2.89 -71.05
N ASN B 76 39.66 2.98 -72.35
CA ASN B 76 40.58 3.33 -73.42
C ASN B 76 40.73 4.86 -73.52
N ALA B 77 41.76 5.28 -74.24
CA ALA B 77 42.16 6.68 -74.32
C ALA B 77 41.75 7.37 -75.61
N ARG B 78 41.82 6.67 -76.74
CA ARG B 78 41.51 7.25 -78.05
C ARG B 78 40.01 7.19 -78.34
N TRP B 79 39.52 8.25 -78.99
CA TRP B 79 38.10 8.38 -79.35
C TRP B 79 37.90 7.93 -80.80
N THR B 80 37.47 6.67 -80.99
CA THR B 80 37.15 6.22 -82.34
C THR B 80 36.03 7.10 -82.88
N THR B 81 35.94 7.19 -84.21
CA THR B 81 34.89 8.02 -84.77
C THR B 81 33.53 7.52 -84.31
N GLU B 82 33.42 6.20 -84.12
CA GLU B 82 32.22 5.59 -83.53
C GLU B 82 31.93 6.14 -82.15
N GLU B 83 32.96 6.21 -81.29
CA GLU B 83 32.73 6.60 -79.92
C GLU B 83 32.38 8.08 -79.80
N GLN B 84 32.92 8.92 -80.68
CA GLN B 84 32.48 10.32 -80.70
C GLN B 84 31.01 10.41 -81.00
N LEU B 85 30.53 9.61 -81.97
CA LEU B 85 29.13 9.69 -82.39
C LEU B 85 28.20 9.20 -81.29
N LEU B 86 28.59 8.14 -80.58
CA LEU B 86 27.83 7.72 -79.41
C LEU B 86 27.72 8.87 -78.40
N ALA B 87 28.79 9.65 -78.26
CA ALA B 87 28.79 10.74 -77.28
C ALA B 87 27.74 11.78 -77.63
N VAL B 88 27.84 12.39 -78.82
CA VAL B 88 26.89 13.42 -79.24
C VAL B 88 25.43 12.98 -79.05
N GLN B 89 25.14 11.70 -79.22
CA GLN B 89 23.76 11.27 -78.99
C GLN B 89 23.48 11.08 -77.52
N ALA B 90 24.48 10.61 -76.76
CA ALA B 90 24.34 10.50 -75.31
C ALA B 90 24.14 11.87 -74.69
N ILE B 91 24.85 12.87 -75.20
CA ILE B 91 24.66 14.23 -74.70
C ILE B 91 23.23 14.67 -74.98
N ARG B 92 22.75 14.43 -76.20
CA ARG B 92 21.41 14.87 -76.59
C ARG B 92 20.31 14.15 -75.82
N LYS B 93 20.59 12.97 -75.26
CA LYS B 93 19.58 12.24 -74.50
C LYS B 93 19.77 12.36 -73.00
N TYR B 94 20.98 12.72 -72.55
CA TYR B 94 21.27 12.76 -71.12
C TYR B 94 21.72 14.13 -70.60
N GLY B 95 22.20 14.98 -71.49
CA GLY B 95 22.59 16.34 -71.07
C GLY B 95 23.91 16.36 -70.32
N ARG B 96 23.87 16.54 -69.01
CA ARG B 96 25.13 16.63 -68.22
C ARG B 96 25.25 15.43 -67.30
N ASP B 97 24.56 14.34 -67.56
CA ASP B 97 24.73 13.21 -66.64
C ASP B 97 25.94 12.41 -67.12
N PHE B 98 27.14 12.85 -66.78
CA PHE B 98 28.36 12.21 -67.31
C PHE B 98 28.44 10.73 -66.95
N GLN B 99 28.01 10.35 -65.76
CA GLN B 99 28.13 8.94 -65.37
C GLN B 99 27.33 8.08 -66.35
N ALA B 100 26.12 8.49 -66.68
CA ALA B 100 25.33 7.69 -67.63
C ALA B 100 26.03 7.70 -68.99
N ILE B 101 26.53 8.86 -69.39
CA ILE B 101 27.18 8.98 -70.72
C ILE B 101 28.37 8.03 -70.77
N SER B 102 29.16 7.94 -69.71
CA SER B 102 30.25 6.95 -69.76
C SER B 102 29.66 5.56 -69.89
N ASP B 103 28.64 5.29 -69.09
CA ASP B 103 28.04 3.95 -69.09
C ASP B 103 27.62 3.63 -70.52
N VAL B 104 27.13 4.62 -71.24
CA VAL B 104 26.74 4.31 -72.64
C VAL B 104 27.98 4.01 -73.48
N ILE B 105 29.00 4.84 -73.43
CA ILE B 105 30.16 4.55 -74.30
C ILE B 105 30.79 3.24 -73.88
N GLY B 106 31.03 3.04 -72.59
CA GLY B 106 31.52 1.74 -72.15
C GLY B 106 33.02 1.64 -72.04
N ASN B 107 33.76 2.65 -72.49
CA ASN B 107 35.21 2.51 -72.33
C ASN B 107 35.84 3.87 -72.07
N LYS B 108 35.02 4.88 -71.77
CA LYS B 108 35.52 6.17 -71.34
C LYS B 108 35.13 6.46 -69.90
N SER B 109 36.03 7.14 -69.18
CA SER B 109 35.85 7.57 -67.80
C SER B 109 35.06 8.88 -67.76
N VAL B 110 34.50 9.19 -66.60
CA VAL B 110 33.73 10.46 -66.51
C VAL B 110 34.66 11.64 -66.77
N VAL B 111 35.91 11.49 -66.36
CA VAL B 111 36.88 12.60 -66.57
C VAL B 111 37.05 12.79 -68.07
N GLN B 112 37.20 11.67 -68.77
CA GLN B 112 37.42 11.75 -70.23
C GLN B 112 36.17 12.38 -70.84
N VAL B 113 35.01 11.92 -70.40
CA VAL B 113 33.74 12.49 -70.90
C VAL B 113 33.72 13.95 -70.52
N LYS B 114 34.10 14.30 -69.29
CA LYS B 114 34.07 15.73 -68.88
C LYS B 114 35.00 16.51 -69.80
N ASN B 115 36.19 15.98 -70.07
CA ASN B 115 37.12 16.70 -70.96
C ASN B 115 36.53 16.82 -72.36
N PHE B 116 35.87 15.77 -72.81
CA PHE B 116 35.37 15.67 -74.21
C PHE B 116 34.47 16.86 -74.54
N PHE B 117 33.61 17.30 -73.63
CA PHE B 117 32.75 18.45 -73.98
C PHE B 117 33.62 19.66 -74.26
N VAL B 118 34.63 19.87 -73.43
CA VAL B 118 35.48 21.07 -73.61
C VAL B 118 36.23 21.03 -74.93
N ASN B 119 36.72 19.85 -75.29
CA ASN B 119 37.57 19.67 -76.47
C ASN B 119 36.75 19.77 -77.76
N TYR B 120 35.65 19.05 -77.84
CA TYR B 120 34.91 19.02 -79.11
C TYR B 120 33.74 20.01 -79.07
N ARG B 121 33.74 20.91 -78.11
CA ARG B 121 32.58 21.81 -77.91
C ARG B 121 32.27 22.63 -79.15
N ARG B 122 33.26 23.10 -79.88
CA ARG B 122 32.90 23.90 -81.08
C ARG B 122 32.60 22.98 -82.25
N ARG B 123 33.37 21.92 -82.43
CA ARG B 123 33.23 21.05 -83.59
C ARG B 123 31.95 20.23 -83.57
N PHE B 124 31.35 20.03 -82.40
CA PHE B 124 30.12 19.26 -82.27
C PHE B 124 28.97 20.12 -81.75
N ASN B 125 29.09 21.44 -81.79
CA ASN B 125 28.03 22.34 -81.37
C ASN B 125 27.40 21.90 -80.05
N ILE B 126 28.24 21.49 -79.09
CA ILE B 126 27.69 20.86 -77.89
C ILE B 126 26.83 21.84 -77.10
N ASP B 127 27.05 23.14 -77.26
CA ASP B 127 26.15 24.14 -76.70
C ASP B 127 24.73 23.93 -77.24
N GLU B 128 24.58 23.99 -78.56
CA GLU B 128 23.30 23.69 -79.19
C GLU B 128 22.70 22.38 -78.68
N VAL B 129 23.48 21.29 -78.68
CA VAL B 129 22.91 19.99 -78.31
C VAL B 129 22.27 20.07 -76.94
N LEU B 130 23.05 20.47 -75.93
CA LEU B 130 22.55 20.72 -74.58
C LEU B 130 21.34 21.65 -74.60
N GLN B 131 21.49 22.79 -75.27
CA GLN B 131 20.42 23.78 -75.38
C GLN B 131 19.11 23.14 -75.82
N GLU B 132 19.17 22.21 -76.77
CA GLU B 132 17.99 21.55 -77.27
C GLU B 132 17.62 20.33 -76.46
N TRP B 133 18.55 19.76 -75.70
CA TRP B 133 18.19 18.79 -74.69
C TRP B 133 17.40 19.43 -73.57
N GLU B 134 17.71 20.69 -73.25
CA GLU B 134 17.02 21.36 -72.15
C GLU B 134 15.51 21.47 -72.42
N ALA B 135 15.10 21.35 -73.67
CA ALA B 135 13.67 21.46 -73.97
C ALA B 135 13.00 20.12 -73.72
N GLU B 136 13.55 19.31 -72.80
CA GLU B 136 12.97 17.99 -72.49
C GLU B 136 13.22 17.68 -71.02
PA FAD C . -12.31 -2.55 26.72
O1A FAD C . -13.42 -2.71 25.79
O2A FAD C . -11.35 -3.62 26.90
O5B FAD C . -12.88 -2.15 28.10
C5B FAD C . -14.22 -1.67 28.07
C4B FAD C . -14.95 -2.17 29.27
O4B FAD C . -16.17 -1.40 29.38
C3B FAD C . -15.41 -3.62 29.24
O3B FAD C . -15.46 -4.13 30.55
C2B FAD C . -16.85 -3.48 28.78
O2B FAD C . -17.64 -4.56 29.17
C1B FAD C . -17.22 -2.28 29.64
N9A FAD C . -18.44 -1.63 29.35
C8A FAD C . -18.98 -1.37 28.17
N7A FAD C . -20.13 -0.76 28.24
C5A FAD C . -20.35 -0.63 29.59
C6A FAD C . -21.38 -0.07 30.34
N6A FAD C . -22.46 0.49 29.81
N1A FAD C . -21.27 -0.11 31.67
C2A FAD C . -20.19 -0.68 32.20
N3A FAD C . -19.16 -1.23 31.59
C4A FAD C . -19.30 -1.17 30.28
N1 FAD C . -4.83 -5.23 20.50
C2 FAD C . -3.58 -5.66 20.45
O2 FAD C . -2.70 -5.00 20.91
N3 FAD C . -3.24 -6.79 19.90
C4 FAD C . -4.16 -7.61 19.33
O4 FAD C . -3.78 -8.66 18.85
C4X FAD C . -5.46 -7.25 19.38
N5 FAD C . -6.32 -8.05 18.88
C5X FAD C . -7.62 -7.69 18.97
C6 FAD C . -8.58 -8.56 18.46
C7 FAD C . -9.91 -8.27 18.54
C7M FAD C . -10.92 -9.23 18.00
C8 FAD C . -10.32 -7.09 19.14
C8M FAD C . -11.78 -6.77 19.22
C9 FAD C . -9.39 -6.20 19.62
C9A FAD C . -8.03 -6.49 19.56
N10 FAD C . -7.06 -5.65 20.07
C10 FAD C . -5.75 -6.01 20.01
C1' FAD C . -7.43 -4.37 20.68
C2' FAD C . -7.36 -4.38 22.16
O2' FAD C . -8.07 -5.45 22.61
C3' FAD C . -8.09 -3.13 22.63
O3' FAD C . -7.42 -2.05 22.14
C4' FAD C . -8.14 -3.00 24.14
O4' FAD C . -8.28 -4.31 24.65
C5' FAD C . -9.31 -2.18 24.59
O5' FAD C . -9.26 -1.96 26.00
P FAD C . -10.09 -0.79 26.59
O1P FAD C . -9.78 -0.79 28.02
O2P FAD C . -9.91 0.43 25.81
O3P FAD C . -11.55 -1.26 26.32
#